data_5EPO
#
_entry.id   5EPO
#
_cell.length_a   67.180
_cell.length_b   69.680
_cell.length_c   220.390
_cell.angle_alpha   90.00
_cell.angle_beta   90.00
_cell.angle_gamma   90.00
#
_symmetry.space_group_name_H-M   'P 21 21 21'
#
loop_
_entity.id
_entity.type
_entity.pdbx_description
1 polymer '7-alpha-hydroxysteroid deydrogenase'
2 non-polymer 'NADP NICOTINAMIDE-ADENINE-DINUCLEOTIDE PHOSPHATE'
3 non-polymer 'TAUROCHENODEOXYCHOLIC ACID'
4 non-polymer GLYCEROL
5 water water
#
_entity_poly.entity_id   1
_entity_poly.type   'polypeptide(L)'
_entity_poly.pdbx_seq_one_letter_code
;MKRLEGKVAIVTSSTRGIGRASAEALAKEGALVYLAARSEELANEVIADIKKQGGVAKFVYFNAREEETYTSMVEKVAEA
EGRIDILVNNYGGTNVNLDKNLTAGDTDEFFRILKDNVQSVYLPAKAAIPHMEKVGGGSIVNISTIGSVVPDISRIAYCV
SKSAINSLTQNIALQYARKNIRCNAVLPGLIGTRAALENMTDEFRDSFLGHVPLNRVGRPEDIANAVLYYASDDSGYVTG
MIHEVAGGFALGTPQYSEYCPR
;
_entity_poly.pdbx_strand_id   A,B,C,D
#
loop_
_chem_comp.id
_chem_comp.type
_chem_comp.name
_chem_comp.formula
GOL non-polymer GLYCEROL 'C3 H8 O3'
NAP non-polymer 'NADP NICOTINAMIDE-ADENINE-DINUCLEOTIDE PHOSPHATE' 'C21 H28 N7 O17 P3'
TUD non-polymer 'TAUROCHENODEOXYCHOLIC ACID' 'C26 H45 N O6 S'
#
# COMPACT_ATOMS: atom_id res chain seq x y z
N LYS A 2 -11.69 -34.60 3.19
CA LYS A 2 -10.34 -34.17 3.57
C LYS A 2 -9.64 -33.48 2.38
N ARG A 3 -9.50 -32.18 2.50
CA ARG A 3 -8.91 -31.32 1.49
C ARG A 3 -7.47 -31.51 1.18
N LEU A 4 -6.72 -32.18 2.04
CA LEU A 4 -5.28 -32.26 1.86
C LEU A 4 -4.82 -33.68 1.84
N GLU A 5 -5.75 -34.58 1.59
CA GLU A 5 -5.41 -35.99 1.54
C GLU A 5 -4.30 -36.31 0.56
N GLY A 6 -3.28 -37.00 1.02
CA GLY A 6 -2.16 -37.39 0.15
C GLY A 6 -1.07 -36.32 0.02
N LYS A 7 -1.30 -35.15 0.59
CA LYS A 7 -0.32 -34.08 0.49
C LYS A 7 0.70 -34.20 1.60
N VAL A 8 1.91 -33.69 1.35
CA VAL A 8 2.98 -33.62 2.31
C VAL A 8 3.26 -32.16 2.69
N ALA A 9 3.24 -31.85 3.99
CA ALA A 9 3.49 -30.50 4.48
C ALA A 9 4.66 -30.48 5.46
N ILE A 10 5.39 -29.37 5.44
CA ILE A 10 6.45 -29.11 6.41
C ILE A 10 6.15 -27.79 7.14
N VAL A 11 6.12 -27.85 8.47
CA VAL A 11 5.97 -26.66 9.29
C VAL A 11 7.17 -26.51 10.23
N THR A 12 7.93 -25.41 10.10
CA THR A 12 9.08 -25.17 10.96
C THR A 12 8.66 -24.65 12.35
N SER A 13 9.47 -24.97 13.38
CA SER A 13 9.24 -24.47 14.72
C SER A 13 7.80 -24.72 15.18
N SER A 14 7.40 -25.99 15.15
CA SER A 14 5.99 -26.35 15.25
C SER A 14 5.67 -27.21 16.48
N THR A 15 6.49 -27.08 17.51
CA THR A 15 6.26 -27.82 18.75
C THR A 15 5.40 -27.04 19.73
N ARG A 16 5.11 -25.78 19.42
CA ARG A 16 4.20 -24.96 20.25
C ARG A 16 3.64 -23.80 19.41
N GLY A 17 2.65 -23.12 19.97
CA GLY A 17 2.18 -21.86 19.40
C GLY A 17 1.64 -21.98 17.98
N ILE A 18 1.95 -20.99 17.15
CA ILE A 18 1.40 -20.90 15.79
C ILE A 18 1.82 -22.10 14.96
N GLY A 19 3.10 -22.48 15.09
CA GLY A 19 3.62 -23.60 14.33
C GLY A 19 2.87 -24.87 14.63
N ARG A 20 2.63 -25.15 15.92
CA ARG A 20 1.91 -26.32 16.33
C ARG A 20 0.49 -26.27 15.80
N ALA A 21 -0.17 -25.13 16.00
CA ALA A 21 -1.58 -25.03 15.63
C ALA A 21 -1.72 -25.18 14.12
N SER A 22 -0.74 -24.68 13.37
CA SER A 22 -0.72 -24.82 11.93
C SER A 22 -0.50 -26.29 11.51
N ALA A 23 0.43 -26.98 12.15
CA ALA A 23 0.62 -28.41 11.93
C ALA A 23 -0.65 -29.21 12.20
N GLU A 24 -1.32 -28.89 13.28
CA GLU A 24 -2.54 -29.63 13.69
C GLU A 24 -3.67 -29.44 12.66
N ALA A 25 -3.87 -28.19 12.22
CA ALA A 25 -4.91 -27.88 11.26
C ALA A 25 -4.68 -28.59 9.93
N LEU A 26 -3.42 -28.64 9.50
CA LEU A 26 -3.10 -29.25 8.23
C LEU A 26 -3.29 -30.77 8.31
N ALA A 27 -2.87 -31.35 9.44
CA ALA A 27 -3.03 -32.78 9.68
C ALA A 27 -4.51 -33.21 9.77
N LYS A 28 -5.34 -32.33 10.33
CA LYS A 28 -6.75 -32.64 10.45
C LYS A 28 -7.41 -32.73 9.06
N GLU A 29 -6.88 -31.97 8.10
CA GLU A 29 -7.39 -31.99 6.75
C GLU A 29 -6.68 -33.03 5.89
N GLY A 30 -6.03 -33.99 6.53
CA GLY A 30 -5.46 -35.14 5.83
C GLY A 30 -4.02 -35.03 5.36
N ALA A 31 -3.39 -33.87 5.55
CA ALA A 31 -1.99 -33.74 5.18
C ALA A 31 -1.07 -34.58 6.06
N LEU A 32 -0.02 -35.13 5.45
CA LEU A 32 1.08 -35.69 6.21
C LEU A 32 2.00 -34.56 6.58
N VAL A 33 2.09 -34.26 7.87
CA VAL A 33 2.75 -33.05 8.34
C VAL A 33 4.06 -33.38 9.04
N TYR A 34 5.15 -32.84 8.50
CA TYR A 34 6.44 -32.92 9.16
C TYR A 34 6.61 -31.75 10.12
N LEU A 35 6.86 -32.06 11.39
CA LEU A 35 7.29 -31.06 12.35
C LEU A 35 8.80 -30.84 12.23
N ALA A 36 9.18 -29.78 11.54
CA ALA A 36 10.58 -29.43 11.45
C ALA A 36 10.95 -28.65 12.70
N ALA A 37 11.50 -29.37 13.69
CA ALA A 37 11.70 -28.83 15.01
C ALA A 37 13.06 -29.19 15.62
N ARG A 38 13.47 -28.46 16.65
CA ARG A 38 14.77 -28.71 17.30
C ARG A 38 14.68 -29.75 18.42
N SER A 39 13.50 -29.91 19.01
CA SER A 39 13.30 -30.89 20.09
C SER A 39 12.50 -32.09 19.63
N GLU A 40 13.21 -33.20 19.37
CA GLU A 40 12.55 -34.42 18.98
C GLU A 40 11.58 -34.89 20.07
N GLU A 41 12.02 -34.76 21.32
CA GLU A 41 11.19 -35.16 22.45
C GLU A 41 9.86 -34.43 22.45
N LEU A 42 9.89 -33.11 22.29
CA LEU A 42 8.64 -32.35 22.26
C LEU A 42 7.85 -32.68 21.01
N ALA A 43 8.53 -32.78 19.88
CA ALA A 43 7.88 -33.11 18.62
C ALA A 43 7.09 -34.41 18.74
N ASN A 44 7.66 -35.40 19.44
CA ASN A 44 7.00 -36.69 19.62
C ASN A 44 5.70 -36.60 20.42
N GLU A 45 5.65 -35.65 21.36
CA GLU A 45 4.41 -35.39 22.09
C GLU A 45 3.32 -34.83 21.20
N VAL A 46 3.71 -33.94 20.28
CA VAL A 46 2.73 -33.32 19.38
C VAL A 46 2.25 -34.35 18.37
N ILE A 47 3.18 -35.14 17.83
CA ILE A 47 2.85 -36.21 16.88
C ILE A 47 1.84 -37.17 17.52
N ALA A 48 2.09 -37.52 18.77
CA ALA A 48 1.19 -38.41 19.50
C ALA A 48 -0.19 -37.81 19.59
N ASP A 49 -0.25 -36.56 20.05
CA ASP A 49 -1.52 -35.86 20.16
C ASP A 49 -2.22 -35.80 18.81
N ILE A 50 -1.49 -35.50 17.75
CA ILE A 50 -2.05 -35.45 16.40
C ILE A 50 -2.54 -36.83 16.00
N LYS A 51 -1.81 -37.88 16.38
CA LYS A 51 -2.24 -39.23 16.00
C LYS A 51 -3.56 -39.58 16.69
N LYS A 52 -3.69 -39.17 17.94
CA LYS A 52 -4.91 -39.42 18.71
C LYS A 52 -6.08 -38.69 18.09
N GLN A 53 -5.82 -37.50 17.52
CA GLN A 53 -6.85 -36.73 16.81
C GLN A 53 -7.19 -37.39 15.47
N GLY A 54 -6.40 -38.38 15.06
CA GLY A 54 -6.70 -39.15 13.87
C GLY A 54 -5.92 -38.76 12.62
N GLY A 55 -4.83 -38.01 12.80
CA GLY A 55 -4.02 -37.55 11.67
C GLY A 55 -2.64 -38.15 11.71
N VAL A 56 -1.82 -37.80 10.71
CA VAL A 56 -0.43 -38.28 10.67
C VAL A 56 0.57 -37.12 10.65
N ALA A 57 1.58 -37.22 11.48
CA ALA A 57 2.67 -36.28 11.52
C ALA A 57 3.99 -36.99 11.83
N LYS A 58 5.08 -36.39 11.39
CA LYS A 58 6.41 -36.97 11.58
C LYS A 58 7.37 -35.89 12.01
N PHE A 59 8.54 -36.31 12.46
CA PHE A 59 9.59 -35.38 12.90
C PHE A 59 10.74 -35.32 11.91
N VAL A 60 11.29 -34.12 11.73
CA VAL A 60 12.53 -33.93 11.00
C VAL A 60 13.31 -32.83 11.70
N TYR A 61 14.60 -33.05 11.92
CA TYR A 61 15.37 -32.16 12.76
C TYR A 61 15.60 -30.83 12.07
N PHE A 62 15.32 -29.75 12.81
CA PHE A 62 15.58 -28.41 12.30
C PHE A 62 15.98 -27.49 13.44
N ASN A 63 17.06 -26.75 13.26
CA ASN A 63 17.46 -25.72 14.19
C ASN A 63 18.00 -24.50 13.43
N ALA A 64 17.37 -23.36 13.64
CA ALA A 64 17.70 -22.14 12.92
C ALA A 64 19.14 -21.72 13.16
N ARG A 65 19.74 -22.17 14.26
CA ARG A 65 21.14 -21.85 14.53
C ARG A 65 22.10 -22.69 13.68
N GLU A 66 21.59 -23.77 13.10
CA GLU A 66 22.37 -24.63 12.20
C GLU A 66 21.80 -24.54 10.78
N GLU A 67 22.19 -23.52 10.05
CA GLU A 67 21.47 -23.13 8.84
C GLU A 67 21.40 -24.22 7.80
N GLU A 68 22.35 -25.13 7.80
CA GLU A 68 22.35 -26.23 6.85
C GLU A 68 21.10 -27.09 7.03
N THR A 69 20.51 -27.08 8.23
CA THR A 69 19.34 -27.90 8.50
C THR A 69 18.10 -27.44 7.72
N TYR A 70 18.03 -26.17 7.31
CA TYR A 70 16.93 -25.71 6.43
C TYR A 70 16.86 -26.54 5.16
N THR A 71 18.03 -26.85 4.61
CA THR A 71 18.13 -27.60 3.37
C THR A 71 18.03 -29.09 3.64
N SER A 72 18.74 -29.55 4.66
CA SER A 72 18.78 -30.99 4.94
C SER A 72 17.38 -31.48 5.29
N MET A 73 16.64 -30.72 6.07
CA MET A 73 15.31 -31.18 6.47
C MET A 73 14.36 -31.29 5.27
N VAL A 74 14.52 -30.40 4.28
CA VAL A 74 13.67 -30.45 3.07
C VAL A 74 14.04 -31.71 2.26
N GLU A 75 15.32 -31.97 2.14
CA GLU A 75 15.77 -33.12 1.33
C GLU A 75 15.38 -34.45 2.01
N LYS A 76 15.50 -34.53 3.33
CA LYS A 76 15.02 -35.69 4.07
C LYS A 76 13.55 -35.96 3.80
N VAL A 77 12.73 -34.91 3.82
CA VAL A 77 11.30 -35.10 3.65
C VAL A 77 10.98 -35.57 2.23
N ALA A 78 11.60 -34.95 1.23
CA ALA A 78 11.36 -35.33 -0.16
C ALA A 78 11.83 -36.76 -0.43
N GLU A 79 12.92 -37.14 0.19
CA GLU A 79 13.47 -38.48 0.03
C GLU A 79 12.55 -39.51 0.66
N ALA A 80 12.04 -39.21 1.84
CA ALA A 80 11.21 -40.15 2.58
C ALA A 80 9.80 -40.25 2.02
N GLU A 81 9.26 -39.16 1.46
CA GLU A 81 7.87 -39.15 0.99
C GLU A 81 7.70 -39.13 -0.53
N GLY A 82 8.76 -38.80 -1.24
CA GLY A 82 8.69 -38.69 -2.70
C GLY A 82 8.11 -37.40 -3.20
N ARG A 83 7.76 -36.49 -2.28
CA ARG A 83 7.08 -35.26 -2.69
C ARG A 83 7.03 -34.23 -1.56
N ILE A 84 6.87 -32.97 -1.94
CA ILE A 84 6.52 -31.89 -1.01
C ILE A 84 5.44 -31.03 -1.67
N ASP A 85 4.39 -30.73 -0.91
CA ASP A 85 3.28 -29.95 -1.41
C ASP A 85 3.15 -28.59 -0.73
N ILE A 86 3.39 -28.55 0.56
CA ILE A 86 3.14 -27.37 1.39
C ILE A 86 4.35 -27.07 2.27
N LEU A 87 4.72 -25.79 2.35
CA LEU A 87 5.80 -25.36 3.24
C LEU A 87 5.34 -24.17 4.06
N VAL A 88 5.38 -24.30 5.37
CA VAL A 88 5.00 -23.22 6.27
C VAL A 88 6.25 -22.78 7.03
N ASN A 89 6.76 -21.60 6.69
CA ASN A 89 7.93 -21.05 7.35
C ASN A 89 7.50 -20.21 8.55
N ASN A 90 7.55 -20.82 9.72
CA ASN A 90 6.99 -20.25 10.92
C ASN A 90 8.11 -19.72 11.82
N TYR A 91 9.31 -20.24 11.70
CA TYR A 91 10.42 -19.70 12.50
C TYR A 91 10.62 -18.20 12.32
N GLY A 92 10.91 -17.54 13.43
CA GLY A 92 11.24 -16.13 13.41
C GLY A 92 11.20 -15.52 14.78
N GLY A 93 11.91 -14.42 14.95
CA GLY A 93 11.86 -13.72 16.21
C GLY A 93 12.88 -12.60 16.27
N THR A 94 13.30 -12.30 17.49
CA THR A 94 14.25 -11.26 17.69
C THR A 94 14.78 -11.39 19.11
N ASN A 95 15.63 -10.45 19.49
CA ASN A 95 16.19 -10.40 20.82
C ASN A 95 15.76 -9.07 21.44
N VAL A 96 14.81 -9.12 22.37
CA VAL A 96 14.25 -7.89 22.92
C VAL A 96 15.26 -7.05 23.71
N ASN A 97 16.32 -7.66 24.21
CA ASN A 97 17.32 -6.91 24.95
C ASN A 97 18.18 -6.04 24.06
N LEU A 98 18.39 -6.49 22.83
CA LEU A 98 19.34 -5.85 21.89
C LEU A 98 18.67 -5.25 20.66
N ASP A 99 17.44 -5.58 20.40
CA ASP A 99 16.66 -5.08 19.23
C ASP A 99 15.75 -3.89 19.60
N LYS A 100 16.33 -2.74 19.69
CA LYS A 100 15.60 -1.52 20.02
C LYS A 100 15.40 -0.61 18.76
N ASN A 101 15.59 0.71 18.92
CA ASN A 101 15.55 1.64 17.84
C ASN A 101 16.93 1.61 17.15
N LEU A 102 17.06 2.49 16.19
CA LEU A 102 18.25 2.53 15.38
C LEU A 102 19.52 2.74 16.22
N THR A 103 19.47 3.73 17.12
CA THR A 103 20.66 4.16 17.80
C THR A 103 20.98 3.36 19.06
N ALA A 104 19.95 2.89 19.75
CA ALA A 104 20.12 2.14 21.01
C ALA A 104 20.28 0.62 20.79
N GLY A 105 19.79 0.14 19.66
CA GLY A 105 19.90 -1.25 19.29
C GLY A 105 21.34 -1.65 18.97
N ASP A 106 21.62 -2.95 19.10
CA ASP A 106 22.97 -3.41 18.82
C ASP A 106 23.18 -3.62 17.35
N THR A 107 24.21 -2.98 16.79
CA THR A 107 24.49 -3.04 15.36
C THR A 107 24.66 -4.47 14.87
N ASP A 108 25.61 -5.21 15.45
CA ASP A 108 25.87 -6.56 14.97
C ASP A 108 24.63 -7.46 15.08
N GLU A 109 23.89 -7.33 16.17
CA GLU A 109 22.68 -8.17 16.36
C GLU A 109 21.57 -7.81 15.38
N PHE A 110 21.54 -6.54 14.90
CA PHE A 110 20.57 -6.14 13.87
C PHE A 110 20.76 -7.01 12.62
N PHE A 111 22.00 -7.12 12.17
CA PHE A 111 22.31 -7.83 10.96
C PHE A 111 22.27 -9.34 11.13
N ARG A 112 22.45 -9.83 12.34
CA ARG A 112 22.23 -11.25 12.62
C ARG A 112 20.77 -11.63 12.54
N ILE A 113 19.91 -10.81 13.15
CA ILE A 113 18.45 -11.00 13.08
C ILE A 113 17.96 -10.86 11.61
N LEU A 114 18.53 -9.90 10.88
CA LEU A 114 18.14 -9.66 9.49
C LEU A 114 18.38 -10.93 8.68
N LYS A 115 19.56 -11.51 8.81
CA LYS A 115 19.91 -12.75 8.10
C LYS A 115 19.11 -13.93 8.62
N ASP A 116 19.01 -14.02 9.94
CA ASP A 116 18.38 -15.16 10.60
C ASP A 116 16.93 -15.33 10.14
N ASN A 117 16.16 -14.24 10.20
CA ASN A 117 14.78 -14.27 9.77
C ASN A 117 14.60 -14.41 8.27
N VAL A 118 15.32 -13.63 7.50
CA VAL A 118 15.16 -13.70 6.06
C VAL A 118 15.58 -15.08 5.52
N GLN A 119 16.64 -15.64 6.06
CA GLN A 119 17.12 -16.92 5.52
C GLN A 119 16.19 -18.04 5.90
N SER A 120 15.39 -17.83 6.95
CA SER A 120 14.43 -18.84 7.41
C SER A 120 13.30 -19.04 6.40
N VAL A 121 13.19 -18.12 5.44
CA VAL A 121 12.26 -18.27 4.30
C VAL A 121 13.02 -18.64 3.03
N TYR A 122 14.07 -17.88 2.74
CA TYR A 122 14.84 -18.06 1.51
C TYR A 122 15.42 -19.50 1.35
N LEU A 123 16.08 -20.02 2.40
CA LEU A 123 16.74 -21.32 2.26
C LEU A 123 15.78 -22.47 2.09
N PRO A 124 14.77 -22.58 2.96
CA PRO A 124 13.90 -23.75 2.81
C PRO A 124 12.99 -23.65 1.58
N ALA A 125 12.54 -22.46 1.24
CA ALA A 125 11.73 -22.28 0.01
C ALA A 125 12.53 -22.66 -1.23
N LYS A 126 13.81 -22.27 -1.24
CA LYS A 126 14.69 -22.56 -2.35
C LYS A 126 14.88 -24.05 -2.51
N ALA A 127 14.99 -24.75 -1.40
CA ALA A 127 15.16 -26.20 -1.43
C ALA A 127 13.89 -26.91 -1.89
N ALA A 128 12.74 -26.43 -1.44
CA ALA A 128 11.47 -27.10 -1.63
C ALA A 128 10.93 -26.97 -3.05
N ILE A 129 11.21 -25.85 -3.68
CA ILE A 129 10.61 -25.52 -4.96
C ILE A 129 10.76 -26.61 -6.02
N PRO A 130 11.97 -27.18 -6.14
CA PRO A 130 12.10 -28.21 -7.18
C PRO A 130 11.22 -29.43 -6.94
N HIS A 131 10.93 -29.71 -5.68
CA HIS A 131 10.10 -30.85 -5.34
C HIS A 131 8.64 -30.53 -5.63
N MET A 132 8.22 -29.29 -5.34
CA MET A 132 6.88 -28.85 -5.64
C MET A 132 6.64 -28.81 -7.16
N GLU A 133 7.62 -28.31 -7.91
CA GLU A 133 7.56 -28.31 -9.37
C GLU A 133 7.19 -29.67 -9.93
N LYS A 134 7.87 -30.68 -9.41
CA LYS A 134 7.75 -32.08 -9.83
C LYS A 134 6.32 -32.60 -9.70
N VAL A 135 5.60 -32.18 -8.66
CA VAL A 135 4.24 -32.69 -8.45
C VAL A 135 3.19 -31.76 -9.00
N GLY A 136 3.62 -30.77 -9.78
CA GLY A 136 2.69 -29.90 -10.50
C GLY A 136 2.23 -28.69 -9.70
N GLY A 137 2.86 -28.45 -8.57
CA GLY A 137 2.61 -27.24 -7.81
C GLY A 137 2.78 -27.40 -6.31
N GLY A 138 2.65 -26.27 -5.62
CA GLY A 138 2.74 -26.28 -4.17
C GLY A 138 2.33 -24.93 -3.60
N SER A 139 2.34 -24.84 -2.28
CA SER A 139 2.04 -23.60 -1.58
C SER A 139 3.09 -23.33 -0.48
N ILE A 140 3.65 -22.12 -0.50
CA ILE A 140 4.57 -21.67 0.50
C ILE A 140 3.89 -20.55 1.30
N VAL A 141 3.79 -20.75 2.60
CA VAL A 141 3.13 -19.78 3.48
C VAL A 141 4.14 -19.27 4.48
N ASN A 142 4.45 -17.98 4.41
CA ASN A 142 5.46 -17.40 5.32
C ASN A 142 4.81 -16.65 6.46
N ILE A 143 5.22 -16.96 7.67
CA ILE A 143 4.69 -16.27 8.84
C ILE A 143 5.48 -14.97 9.10
N SER A 144 4.86 -13.87 8.83
CA SER A 144 5.49 -12.60 9.03
C SER A 144 5.06 -12.07 10.36
N THR A 145 4.57 -10.83 10.39
CA THR A 145 4.04 -10.12 11.52
C THR A 145 3.41 -8.77 11.12
N ILE A 146 2.41 -8.38 11.87
CA ILE A 146 1.76 -7.09 11.62
C ILE A 146 2.84 -5.98 11.68
N GLY A 147 3.87 -6.18 12.49
CA GLY A 147 5.00 -5.26 12.54
C GLY A 147 5.70 -5.00 11.24
N SER A 148 5.55 -5.90 10.28
CA SER A 148 6.17 -5.73 8.96
C SER A 148 5.56 -4.62 8.13
N VAL A 149 4.32 -4.23 8.46
CA VAL A 149 3.63 -3.14 7.76
C VAL A 149 3.26 -2.02 8.72
N VAL A 150 3.72 -2.11 9.97
CA VAL A 150 3.49 -1.06 10.95
C VAL A 150 4.81 -0.66 11.62
N PRO A 151 5.47 0.37 11.08
CA PRO A 151 6.70 0.88 11.68
C PRO A 151 6.52 1.16 13.17
N ASP A 152 7.58 0.93 13.92
CA ASP A 152 7.50 0.96 15.37
C ASP A 152 8.65 1.73 15.92
N ILE A 153 8.72 1.86 17.24
CA ILE A 153 9.72 2.66 17.93
C ILE A 153 10.74 1.75 18.65
N SER A 154 10.56 0.44 18.51
CA SER A 154 11.54 -0.53 18.96
C SER A 154 11.47 -1.79 18.08
N ARG A 155 12.31 -2.77 18.38
CA ARG A 155 12.42 -4.00 17.60
C ARG A 155 12.58 -3.70 16.09
N ILE A 156 13.52 -2.79 15.77
CA ILE A 156 13.72 -2.36 14.41
C ILE A 156 14.19 -3.50 13.49
N ALA A 157 15.04 -4.38 13.99
CA ALA A 157 15.53 -5.51 13.20
C ALA A 157 14.38 -6.44 12.87
N TYR A 158 13.52 -6.71 13.86
CA TYR A 158 12.35 -7.51 13.67
C TYR A 158 11.44 -6.91 12.60
N CYS A 159 11.10 -5.64 12.73
CA CYS A 159 10.24 -4.97 11.80
C CYS A 159 10.80 -5.02 10.36
N VAL A 160 12.05 -4.61 10.18
CA VAL A 160 12.66 -4.55 8.87
C VAL A 160 12.86 -5.93 8.23
N SER A 161 13.34 -6.87 9.02
CA SER A 161 13.59 -8.22 8.51
C SER A 161 12.27 -8.88 8.08
N LYS A 162 11.20 -8.62 8.81
CA LYS A 162 9.90 -9.22 8.45
C LYS A 162 9.30 -8.51 7.25
N SER A 163 9.56 -7.20 7.12
CA SER A 163 9.18 -6.49 5.90
C SER A 163 9.89 -7.11 4.68
N ALA A 164 11.17 -7.39 4.85
CA ALA A 164 11.97 -8.03 3.82
C ALA A 164 11.38 -9.37 3.40
N ILE A 165 10.83 -10.09 4.37
CA ILE A 165 10.18 -11.37 4.11
C ILE A 165 8.91 -11.16 3.27
N ASN A 166 8.17 -10.09 3.53
CA ASN A 166 7.01 -9.76 2.72
C ASN A 166 7.39 -9.55 1.27
N SER A 167 8.50 -8.82 1.03
CA SER A 167 9.00 -8.61 -0.32
C SER A 167 9.47 -9.92 -0.92
N LEU A 168 10.18 -10.71 -0.12
CA LEU A 168 10.66 -12.01 -0.61
C LEU A 168 9.51 -12.89 -1.04
N THR A 169 8.43 -12.88 -0.24
CA THR A 169 7.22 -13.63 -0.53
C THR A 169 6.66 -13.28 -1.91
N GLN A 170 6.55 -12.00 -2.17
CA GLN A 170 5.90 -11.55 -3.41
C GLN A 170 6.78 -11.81 -4.63
N ASN A 171 8.11 -11.69 -4.46
CA ASN A 171 9.01 -12.02 -5.55
C ASN A 171 9.01 -13.51 -5.88
N ILE A 172 9.06 -14.36 -4.86
CA ILE A 172 8.91 -15.81 -5.04
C ILE A 172 7.56 -16.12 -5.77
N ALA A 173 6.51 -15.44 -5.35
CA ALA A 173 5.20 -15.69 -5.92
C ALA A 173 5.20 -15.42 -7.42
N LEU A 174 5.81 -14.30 -7.82
CA LEU A 174 5.85 -13.94 -9.21
C LEU A 174 6.72 -14.93 -9.97
N GLN A 175 7.82 -15.33 -9.37
CA GLN A 175 8.84 -16.13 -10.05
C GLN A 175 8.44 -17.56 -10.30
N TYR A 176 7.55 -18.12 -9.50
CA TYR A 176 7.21 -19.54 -9.63
C TYR A 176 5.74 -19.82 -9.87
N ALA A 177 4.99 -18.76 -10.14
CA ALA A 177 3.57 -18.89 -10.56
C ALA A 177 3.39 -19.80 -11.75
N ARG A 178 4.27 -19.70 -12.72
CA ARG A 178 4.15 -20.54 -13.94
C ARG A 178 4.23 -22.02 -13.59
N LYS A 179 4.88 -22.34 -12.48
CA LYS A 179 5.01 -23.70 -11.99
C LYS A 179 3.89 -24.05 -11.01
N ASN A 180 2.88 -23.19 -10.94
CA ASN A 180 1.80 -23.36 -9.99
C ASN A 180 2.28 -23.44 -8.55
N ILE A 181 3.35 -22.75 -8.25
CA ILE A 181 3.85 -22.64 -6.87
C ILE A 181 3.48 -21.28 -6.35
N ARG A 182 2.63 -21.26 -5.33
CA ARG A 182 2.08 -20.02 -4.77
C ARG A 182 2.84 -19.67 -3.51
N CYS A 183 2.90 -18.38 -3.23
CA CYS A 183 3.57 -17.91 -2.06
C CYS A 183 2.83 -16.72 -1.50
N ASN A 184 2.46 -16.84 -0.23
CA ASN A 184 1.70 -15.83 0.49
C ASN A 184 2.27 -15.66 1.89
N ALA A 185 1.95 -14.52 2.52
CA ALA A 185 2.42 -14.18 3.82
C ALA A 185 1.26 -13.91 4.77
N VAL A 186 1.32 -14.50 5.97
CA VAL A 186 0.34 -14.31 7.01
C VAL A 186 0.99 -13.47 8.12
N LEU A 187 0.34 -12.36 8.48
CA LEU A 187 0.91 -11.39 9.40
C LEU A 187 0.12 -11.38 10.70
N PRO A 188 0.64 -12.06 11.73
CA PRO A 188 -0.10 -12.05 12.97
C PRO A 188 0.10 -10.80 13.80
N GLY A 189 -0.89 -10.47 14.61
CA GLY A 189 -0.74 -9.48 15.64
C GLY A 189 -0.28 -10.12 16.95
N LEU A 190 -0.76 -9.58 18.06
CA LEU A 190 -0.53 -10.13 19.37
C LEU A 190 -1.33 -11.42 19.52
N ILE A 191 -0.58 -12.50 19.66
CA ILE A 191 -1.13 -13.84 19.85
C ILE A 191 -0.69 -14.34 21.21
N GLY A 192 -1.61 -14.96 21.93
CA GLY A 192 -1.32 -15.47 23.29
C GLY A 192 -0.49 -16.73 23.26
N THR A 193 0.79 -16.60 22.92
CA THR A 193 1.74 -17.70 22.95
C THR A 193 2.84 -17.36 23.96
N ARG A 194 3.72 -18.32 24.19
CA ARG A 194 4.85 -18.13 25.10
C ARG A 194 5.73 -16.94 24.68
N ALA A 195 5.96 -16.79 23.38
CA ALA A 195 6.88 -15.77 22.89
C ALA A 195 6.42 -14.37 23.32
N ALA A 196 5.13 -14.08 23.19
CA ALA A 196 4.60 -12.77 23.57
C ALA A 196 4.52 -12.61 25.09
N LEU A 197 4.06 -13.64 25.77
CA LEU A 197 3.79 -13.53 27.19
C LEU A 197 5.09 -13.45 28.01
N GLU A 198 6.11 -14.14 27.55
CA GLU A 198 7.36 -14.20 28.29
C GLU A 198 8.34 -13.09 27.91
N ASN A 199 8.22 -12.53 26.69
CA ASN A 199 9.13 -11.49 26.23
C ASN A 199 8.58 -10.08 26.33
N MET A 200 7.26 -9.93 26.41
CA MET A 200 6.64 -8.63 26.49
C MET A 200 5.93 -8.45 27.83
N THR A 201 6.02 -7.25 28.40
CA THR A 201 5.48 -7.04 29.72
C THR A 201 3.96 -7.04 29.71
N ASP A 202 3.35 -7.22 30.88
CA ASP A 202 1.92 -7.12 31.01
C ASP A 202 1.46 -5.76 30.55
N GLU A 203 2.26 -4.75 30.89
CA GLU A 203 1.91 -3.37 30.54
C GLU A 203 1.90 -3.20 29.03
N PHE A 204 2.94 -3.68 28.37
CA PHE A 204 3.02 -3.57 26.91
C PHE A 204 1.84 -4.23 26.25
N ARG A 205 1.55 -5.45 26.68
CA ARG A 205 0.50 -6.25 26.04
C ARG A 205 -0.88 -5.69 26.31
N ASP A 206 -1.08 -5.09 27.47
CA ASP A 206 -2.37 -4.43 27.76
C ASP A 206 -2.60 -3.16 26.93
N SER A 207 -1.53 -2.39 26.78
CA SER A 207 -1.54 -1.22 25.93
C SER A 207 -1.84 -1.63 24.48
N PHE A 208 -1.11 -2.62 23.99
CA PHE A 208 -1.33 -3.12 22.63
C PHE A 208 -2.76 -3.50 22.40
N LEU A 209 -3.33 -4.24 23.35
CA LEU A 209 -4.70 -4.74 23.25
C LEU A 209 -5.71 -3.63 23.14
N GLY A 210 -5.46 -2.53 23.84
CA GLY A 210 -6.33 -1.36 23.76
C GLY A 210 -6.45 -0.79 22.35
N HIS A 211 -5.46 -1.10 21.51
CA HIS A 211 -5.45 -0.63 20.11
C HIS A 211 -5.94 -1.67 19.12
N VAL A 212 -6.41 -2.80 19.61
CA VAL A 212 -6.94 -3.85 18.75
C VAL A 212 -8.46 -3.70 18.66
N PRO A 213 -8.97 -3.24 17.48
CA PRO A 213 -10.42 -3.01 17.40
C PRO A 213 -11.30 -4.22 17.75
N LEU A 214 -10.89 -5.43 17.34
CA LEU A 214 -11.74 -6.59 17.64
C LEU A 214 -11.59 -7.05 19.08
N ASN A 215 -10.73 -6.36 19.84
CA ASN A 215 -10.80 -6.37 21.29
C ASN A 215 -10.62 -7.74 21.92
N ARG A 216 -9.64 -8.49 21.46
CA ARG A 216 -9.20 -9.67 22.15
C ARG A 216 -7.81 -10.00 21.70
N VAL A 217 -7.11 -10.82 22.48
CA VAL A 217 -5.79 -11.25 22.04
C VAL A 217 -6.01 -12.35 21.02
N GLY A 218 -5.13 -12.45 20.04
CA GLY A 218 -5.22 -13.48 19.03
C GLY A 218 -4.87 -14.85 19.58
N ARG A 219 -5.34 -15.89 18.87
CA ARG A 219 -5.05 -17.29 19.22
C ARG A 219 -4.19 -17.91 18.13
N PRO A 220 -3.38 -18.93 18.48
CA PRO A 220 -2.67 -19.62 17.40
C PRO A 220 -3.61 -20.16 16.31
N GLU A 221 -4.78 -20.60 16.71
CA GLU A 221 -5.77 -21.11 15.78
C GLU A 221 -6.18 -20.07 14.72
N ASP A 222 -6.23 -18.80 15.08
CA ASP A 222 -6.56 -17.74 14.11
C ASP A 222 -5.56 -17.76 12.95
N ILE A 223 -4.28 -17.91 13.29
CA ILE A 223 -3.25 -17.93 12.26
C ILE A 223 -3.27 -19.25 11.49
N ALA A 224 -3.44 -20.35 12.20
CA ALA A 224 -3.53 -21.68 11.54
C ALA A 224 -4.64 -21.71 10.49
N ASN A 225 -5.74 -21.08 10.81
CA ASN A 225 -6.90 -21.04 9.88
C ASN A 225 -6.55 -20.33 8.58
N ALA A 226 -5.78 -19.25 8.67
CA ALA A 226 -5.34 -18.56 7.46
C ALA A 226 -4.34 -19.43 6.73
N VAL A 227 -3.46 -20.07 7.47
CA VAL A 227 -2.44 -20.96 6.90
C VAL A 227 -3.13 -22.06 6.09
N LEU A 228 -4.19 -22.63 6.64
CA LEU A 228 -4.98 -23.66 5.95
C LEU A 228 -5.57 -23.12 4.66
N TYR A 229 -6.14 -21.93 4.70
CA TYR A 229 -6.68 -21.33 3.50
C TYR A 229 -5.60 -21.28 2.41
N TYR A 230 -4.46 -20.68 2.73
CA TYR A 230 -3.40 -20.47 1.74
C TYR A 230 -2.70 -21.77 1.32
N ALA A 231 -2.72 -22.78 2.20
CA ALA A 231 -2.10 -24.06 1.93
C ALA A 231 -2.86 -24.91 0.95
N SER A 232 -4.16 -24.69 0.85
CA SER A 232 -5.03 -25.56 0.05
C SER A 232 -5.46 -24.92 -1.25
N ASP A 233 -6.13 -25.69 -2.07
CA ASP A 233 -6.68 -25.21 -3.35
C ASP A 233 -7.87 -24.26 -3.21
N ASP A 234 -8.35 -24.09 -2.00
CA ASP A 234 -9.32 -23.03 -1.72
C ASP A 234 -8.77 -21.65 -2.07
N SER A 235 -7.46 -21.54 -2.09
CA SER A 235 -6.76 -20.31 -2.47
C SER A 235 -5.98 -20.46 -3.75
N GLY A 236 -6.39 -21.42 -4.59
CA GLY A 236 -5.65 -21.77 -5.80
C GLY A 236 -5.39 -20.62 -6.78
N TYR A 237 -6.19 -19.56 -6.71
CA TYR A 237 -6.02 -18.42 -7.60
C TYR A 237 -5.47 -17.21 -6.81
N VAL A 238 -4.78 -17.48 -5.71
CA VAL A 238 -4.30 -16.46 -4.78
C VAL A 238 -2.81 -16.59 -4.51
N THR A 239 -2.04 -15.58 -4.88
CA THR A 239 -0.60 -15.61 -4.66
C THR A 239 -0.04 -14.20 -4.47
N GLY A 240 0.98 -14.08 -3.63
CA GLY A 240 1.57 -12.79 -3.36
C GLY A 240 0.83 -11.95 -2.35
N MET A 241 -0.10 -12.56 -1.61
CA MET A 241 -0.88 -11.84 -0.63
C MET A 241 -0.14 -11.51 0.68
N ILE A 242 -0.46 -10.32 1.20
CA ILE A 242 -0.03 -9.90 2.52
C ILE A 242 -1.29 -9.90 3.41
N HIS A 243 -1.39 -10.94 4.25
CA HIS A 243 -2.64 -11.28 4.92
C HIS A 243 -2.58 -10.97 6.42
N GLU A 244 -3.33 -9.96 6.84
CA GLU A 244 -3.27 -9.43 8.18
C GLU A 244 -4.26 -10.15 9.13
N VAL A 245 -3.71 -10.73 10.20
CA VAL A 245 -4.48 -11.39 11.23
C VAL A 245 -4.12 -10.81 12.60
N ALA A 246 -4.61 -9.60 12.86
CA ALA A 246 -4.20 -8.86 14.07
C ALA A 246 -5.35 -8.08 14.64
N GLY A 247 -6.56 -8.58 14.41
CA GLY A 247 -7.78 -7.99 14.97
C GLY A 247 -8.04 -6.55 14.58
N GLY A 248 -7.46 -6.09 13.43
CA GLY A 248 -7.64 -4.74 13.00
C GLY A 248 -6.61 -3.75 13.49
N PHE A 249 -5.61 -4.23 14.22
CA PHE A 249 -4.57 -3.39 14.74
C PHE A 249 -3.92 -2.54 13.63
N ALA A 250 -3.88 -1.25 13.85
CA ALA A 250 -3.28 -0.28 12.93
C ALA A 250 -3.99 -0.14 11.59
N LEU A 251 -5.22 -0.63 11.53
CA LEU A 251 -6.03 -0.45 10.33
C LEU A 251 -6.32 1.02 10.07
N GLY A 252 -6.56 1.74 11.14
CA GLY A 252 -7.05 3.11 11.05
C GLY A 252 -6.49 4.06 12.05
N THR A 253 -7.23 5.15 12.28
CA THR A 253 -6.70 6.26 13.04
C THR A 253 -6.12 5.88 14.39
N PRO A 254 -4.98 6.47 14.76
CA PRO A 254 -4.42 6.24 16.07
C PRO A 254 -5.24 6.87 17.18
N GLN A 255 -6.23 7.68 16.83
CA GLN A 255 -7.18 8.20 17.85
C GLN A 255 -8.17 7.13 18.32
N TYR A 256 -8.12 5.94 17.73
CA TYR A 256 -9.13 4.93 17.96
C TYR A 256 -9.30 4.61 19.45
N SER A 257 -8.21 4.29 20.10
CA SER A 257 -8.20 3.91 21.50
C SER A 257 -8.81 4.99 22.39
N GLU A 258 -8.59 6.25 22.04
CA GLU A 258 -9.02 7.36 22.86
C GLU A 258 -10.53 7.53 22.85
N TYR A 259 -11.14 7.33 21.69
CA TYR A 259 -12.57 7.56 21.49
C TYR A 259 -13.41 6.30 21.59
N CYS A 260 -12.75 5.16 21.50
CA CYS A 260 -13.42 3.90 21.55
C CYS A 260 -12.73 2.99 22.56
N PRO A 261 -12.57 3.48 23.82
CA PRO A 261 -11.79 2.62 24.73
C PRO A 261 -12.49 1.39 25.30
N ARG A 262 -11.69 0.40 25.66
CA ARG A 262 -12.25 -0.86 26.18
C ARG A 262 -12.55 -0.81 27.71
N LYS B 2 13.17 31.68 -13.37
CA LYS B 2 12.21 31.04 -12.42
C LYS B 2 11.45 29.88 -13.03
N ARG B 3 11.14 28.97 -12.17
CA ARG B 3 10.71 27.67 -12.53
C ARG B 3 9.46 27.62 -13.40
N LEU B 4 8.51 28.51 -13.17
CA LEU B 4 7.23 28.45 -13.87
C LEU B 4 7.00 29.67 -14.77
N GLU B 5 8.10 30.29 -15.20
CA GLU B 5 8.01 31.47 -16.06
C GLU B 5 7.24 31.13 -17.32
N GLY B 6 6.22 31.90 -17.62
CA GLY B 6 5.42 31.74 -18.81
C GLY B 6 4.31 30.69 -18.71
N LYS B 7 4.20 30.04 -17.56
CA LYS B 7 3.14 29.04 -17.33
C LYS B 7 1.87 29.68 -16.78
N VAL B 8 0.73 29.05 -17.08
CA VAL B 8 -0.56 29.47 -16.58
C VAL B 8 -1.13 28.40 -15.65
N ALA B 9 -1.51 28.82 -14.45
CA ALA B 9 -2.03 27.91 -13.44
C ALA B 9 -3.41 28.35 -12.96
N ILE B 10 -4.21 27.34 -12.58
CA ILE B 10 -5.53 27.57 -11.97
C ILE B 10 -5.53 26.87 -10.60
N VAL B 11 -5.86 27.61 -9.56
CA VAL B 11 -6.06 27.05 -8.22
C VAL B 11 -7.46 27.32 -7.71
N THR B 12 -8.25 26.28 -7.45
CA THR B 12 -9.60 26.47 -6.95
C THR B 12 -9.60 26.78 -5.48
N SER B 13 -10.57 27.55 -5.01
CA SER B 13 -10.75 27.81 -3.57
C SER B 13 -9.50 28.40 -2.94
N SER B 14 -9.00 29.46 -3.58
CA SER B 14 -7.68 29.96 -3.31
C SER B 14 -7.66 31.38 -2.71
N THR B 15 -8.76 31.82 -2.13
CA THR B 15 -8.77 33.12 -1.45
C THR B 15 -8.27 32.99 -0.01
N ARG B 16 -8.16 31.77 0.51
CA ARG B 16 -7.50 31.57 1.82
C ARG B 16 -6.90 30.19 2.00
N GLY B 17 -6.12 30.05 3.08
CA GLY B 17 -5.62 28.76 3.51
C GLY B 17 -4.74 28.10 2.50
N ILE B 18 -4.90 26.78 2.35
CA ILE B 18 -4.04 26.01 1.48
C ILE B 18 -4.07 26.51 0.05
N GLY B 19 -5.27 26.85 -0.41
CA GLY B 19 -5.45 27.33 -1.76
C GLY B 19 -4.69 28.61 -2.00
N ARG B 20 -4.80 29.57 -1.08
CA ARG B 20 -4.07 30.83 -1.24
C ARG B 20 -2.55 30.61 -1.17
N ALA B 21 -2.10 29.81 -0.20
CA ALA B 21 -0.67 29.55 -0.09
C ALA B 21 -0.13 28.89 -1.34
N SER B 22 -0.92 27.99 -1.92
CA SER B 22 -0.50 27.32 -3.15
C SER B 22 -0.38 28.32 -4.30
N ALA B 23 -1.37 29.20 -4.43
CA ALA B 23 -1.35 30.25 -5.47
C ALA B 23 -0.13 31.17 -5.31
N GLU B 24 0.16 31.56 -4.07
CA GLU B 24 1.28 32.42 -3.77
C GLU B 24 2.60 31.78 -4.15
N ALA B 25 2.73 30.50 -3.85
CA ALA B 25 3.98 29.78 -4.13
C ALA B 25 4.20 29.63 -5.61
N LEU B 26 3.15 29.33 -6.37
CA LEU B 26 3.26 29.25 -7.83
C LEU B 26 3.58 30.60 -8.45
N ALA B 27 3.00 31.67 -7.93
CA ALA B 27 3.22 33.00 -8.48
C ALA B 27 4.64 33.48 -8.21
N LYS B 28 5.18 33.13 -7.05
CA LYS B 28 6.57 33.48 -6.73
C LYS B 28 7.54 32.87 -7.71
N GLU B 29 7.19 31.73 -8.27
CA GLU B 29 8.04 31.06 -9.27
C GLU B 29 7.66 31.44 -10.71
N GLY B 30 6.87 32.50 -10.87
CA GLY B 30 6.65 33.08 -12.20
C GLY B 30 5.39 32.64 -12.95
N ALA B 31 4.57 31.77 -12.37
CA ALA B 31 3.32 31.38 -13.01
C ALA B 31 2.30 32.53 -12.96
N LEU B 32 1.56 32.69 -14.06
CA LEU B 32 0.36 33.49 -14.06
C LEU B 32 -0.70 32.60 -13.39
N VAL B 33 -1.11 32.99 -12.20
CA VAL B 33 -2.00 32.16 -11.37
C VAL B 33 -3.41 32.72 -11.34
N TYR B 34 -4.37 31.92 -11.78
CA TYR B 34 -5.78 32.26 -11.68
C TYR B 34 -6.33 31.75 -10.35
N LEU B 35 -6.86 32.67 -9.55
CA LEU B 35 -7.59 32.30 -8.35
C LEU B 35 -9.03 31.98 -8.77
N ALA B 36 -9.36 30.70 -8.84
CA ALA B 36 -10.67 30.27 -9.20
C ALA B 36 -11.49 30.20 -7.93
N ALA B 37 -12.33 31.20 -7.75
CA ALA B 37 -12.91 31.46 -6.42
C ALA B 37 -14.26 32.12 -6.52
N ARG B 38 -15.03 32.08 -5.44
CA ARG B 38 -16.40 32.60 -5.50
C ARG B 38 -16.44 34.10 -5.25
N SER B 39 -15.48 34.61 -4.50
CA SER B 39 -15.49 36.02 -4.09
C SER B 39 -14.46 36.87 -4.81
N GLU B 40 -14.92 37.64 -5.79
CA GLU B 40 -14.02 38.51 -6.53
C GLU B 40 -13.36 39.56 -5.63
N GLU B 41 -14.11 40.11 -4.69
CA GLU B 41 -13.57 41.11 -3.78
C GLU B 41 -12.39 40.59 -2.93
N LEU B 42 -12.53 39.39 -2.42
CA LEU B 42 -11.49 38.77 -1.63
C LEU B 42 -10.34 38.35 -2.55
N ALA B 43 -10.66 37.86 -3.73
CA ALA B 43 -9.64 37.51 -4.71
C ALA B 43 -8.78 38.72 -5.06
N ASN B 44 -9.41 39.88 -5.22
CA ASN B 44 -8.68 41.09 -5.57
C ASN B 44 -7.63 41.46 -4.50
N GLU B 45 -7.93 41.17 -3.24
CA GLU B 45 -6.98 41.43 -2.16
C GLU B 45 -5.77 40.47 -2.25
N VAL B 46 -6.04 39.22 -2.56
CA VAL B 46 -4.94 38.28 -2.67
C VAL B 46 -4.10 38.65 -3.87
N ILE B 47 -4.77 39.06 -4.94
CA ILE B 47 -4.07 39.44 -6.17
C ILE B 47 -3.13 40.61 -5.95
N ALA B 48 -3.62 41.65 -5.25
CA ALA B 48 -2.81 42.81 -4.96
C ALA B 48 -1.60 42.42 -4.11
N ASP B 49 -1.80 41.50 -3.17
CA ASP B 49 -0.72 41.02 -2.31
C ASP B 49 0.33 40.22 -3.11
N ILE B 50 -0.14 39.43 -4.07
CA ILE B 50 0.76 38.67 -4.93
C ILE B 50 1.58 39.62 -5.80
N LYS B 51 0.94 40.67 -6.27
CA LYS B 51 1.62 41.63 -7.12
C LYS B 51 2.67 42.42 -6.34
N LYS B 52 2.35 42.71 -5.10
CA LYS B 52 3.30 43.32 -4.26
C LYS B 52 4.58 42.44 -4.13
N GLN B 53 4.42 41.13 -4.12
CA GLN B 53 5.56 40.22 -4.02
C GLN B 53 6.26 40.01 -5.34
N GLY B 54 5.77 40.63 -6.40
CA GLY B 54 6.39 40.59 -7.69
C GLY B 54 5.78 39.60 -8.66
N GLY B 55 4.59 39.07 -8.33
CA GLY B 55 3.98 38.03 -9.16
C GLY B 55 2.72 38.53 -9.84
N VAL B 56 2.17 37.71 -10.69
CA VAL B 56 0.92 38.08 -11.41
C VAL B 56 -0.15 37.02 -11.08
N ALA B 57 -1.28 37.50 -10.62
CA ALA B 57 -2.44 36.63 -10.43
C ALA B 57 -3.68 37.30 -10.96
N LYS B 58 -4.69 36.49 -11.33
CA LYS B 58 -5.93 36.99 -11.86
C LYS B 58 -7.11 36.22 -11.27
N PHE B 59 -8.32 36.75 -11.45
CA PHE B 59 -9.52 36.15 -10.95
C PHE B 59 -10.34 35.47 -12.02
N VAL B 60 -10.92 34.32 -11.68
CA VAL B 60 -11.96 33.71 -12.52
C VAL B 60 -13.01 33.10 -11.58
N TYR B 61 -14.27 33.22 -11.95
CA TYR B 61 -15.36 32.82 -11.06
C TYR B 61 -15.45 31.31 -10.97
N PHE B 62 -15.44 30.82 -9.73
CA PHE B 62 -15.76 29.42 -9.45
C PHE B 62 -16.61 29.31 -8.19
N ASN B 63 -17.69 28.55 -8.30
CA ASN B 63 -18.56 28.26 -7.15
C ASN B 63 -18.91 26.78 -7.22
N ALA B 64 -18.51 26.03 -6.20
CA ALA B 64 -18.76 24.60 -6.16
C ALA B 64 -20.26 24.28 -6.17
N ARG B 65 -21.09 25.26 -5.81
CA ARG B 65 -22.53 25.11 -5.81
C ARG B 65 -23.14 25.31 -7.19
N GLU B 66 -22.30 25.66 -8.16
CA GLU B 66 -22.73 25.78 -9.53
C GLU B 66 -21.73 25.00 -10.38
N GLU B 67 -21.97 23.70 -10.49
CA GLU B 67 -20.97 22.82 -11.10
C GLU B 67 -20.51 23.22 -12.50
N GLU B 68 -21.34 23.94 -13.24
CA GLU B 68 -20.94 24.39 -14.59
C GLU B 68 -19.66 25.24 -14.53
N THR B 69 -19.43 25.94 -13.41
CA THR B 69 -18.30 26.81 -13.34
C THR B 69 -16.99 26.04 -13.30
N TYR B 70 -17.00 24.75 -12.97
CA TYR B 70 -15.81 23.93 -13.12
C TYR B 70 -15.27 23.97 -14.56
N THR B 71 -16.17 23.93 -15.53
CA THR B 71 -15.75 23.92 -16.93
C THR B 71 -15.57 25.33 -17.48
N SER B 72 -16.52 26.21 -17.14
CA SER B 72 -16.46 27.59 -17.63
C SER B 72 -15.22 28.31 -17.18
N MET B 73 -14.79 28.05 -15.94
CA MET B 73 -13.55 28.63 -15.33
C MET B 73 -12.33 28.24 -16.19
N VAL B 74 -12.30 26.99 -16.57
CA VAL B 74 -11.22 26.48 -17.38
C VAL B 74 -11.26 27.07 -18.77
N GLU B 75 -12.44 27.09 -19.40
CA GLU B 75 -12.54 27.64 -20.75
C GLU B 75 -12.24 29.15 -20.76
N LYS B 76 -12.65 29.88 -19.73
CA LYS B 76 -12.37 31.30 -19.64
C LYS B 76 -10.87 31.56 -19.62
N VAL B 77 -10.15 30.80 -18.79
CA VAL B 77 -8.70 30.94 -18.68
C VAL B 77 -8.00 30.62 -20.01
N ALA B 78 -8.40 29.55 -20.67
CA ALA B 78 -7.77 29.15 -21.92
C ALA B 78 -7.99 30.20 -23.01
N GLU B 79 -9.19 30.75 -23.05
CA GLU B 79 -9.52 31.82 -23.99
C GLU B 79 -8.66 33.04 -23.72
N ALA B 80 -8.48 33.38 -22.44
CA ALA B 80 -7.82 34.61 -22.10
C ALA B 80 -6.31 34.51 -22.31
N GLU B 81 -5.71 33.37 -21.93
CA GLU B 81 -4.28 33.23 -21.93
C GLU B 81 -3.76 32.39 -23.10
N GLY B 82 -4.63 31.64 -23.76
CA GLY B 82 -4.20 30.83 -24.87
C GLY B 82 -3.53 29.55 -24.50
N ARG B 83 -3.52 29.25 -23.20
CA ARG B 83 -2.96 27.99 -22.69
C ARG B 83 -3.37 27.74 -21.25
N ILE B 84 -3.21 26.50 -20.85
CA ILE B 84 -3.35 26.08 -19.44
C ILE B 84 -2.22 25.07 -19.13
N ASP B 85 -1.40 25.30 -18.12
CA ASP B 85 -0.31 24.41 -17.78
C ASP B 85 -0.53 23.63 -16.49
N ILE B 86 -1.09 24.30 -15.50
CA ILE B 86 -1.20 23.76 -14.17
C ILE B 86 -2.63 23.89 -13.67
N LEU B 87 -3.15 22.82 -13.04
CA LEU B 87 -4.42 22.84 -12.39
C LEU B 87 -4.25 22.28 -10.98
N VAL B 88 -4.60 23.07 -9.98
CA VAL B 88 -4.63 22.61 -8.61
C VAL B 88 -6.07 22.57 -8.10
N ASN B 89 -6.55 21.37 -7.88
CA ASN B 89 -7.92 21.12 -7.37
C ASN B 89 -7.90 21.05 -5.84
N ASN B 90 -8.26 22.18 -5.22
CA ASN B 90 -8.16 22.37 -3.79
C ASN B 90 -9.51 22.37 -3.07
N TYR B 91 -10.59 22.60 -3.78
CA TYR B 91 -11.90 22.54 -3.16
C TYR B 91 -12.17 21.16 -2.56
N GLY B 92 -12.72 21.14 -1.36
CA GLY B 92 -13.19 19.89 -0.76
C GLY B 92 -13.71 20.18 0.62
N GLY B 93 -14.60 19.35 1.09
CA GLY B 93 -15.09 19.47 2.44
C GLY B 93 -16.09 18.40 2.80
N THR B 94 -16.76 18.61 3.91
CA THR B 94 -17.79 17.72 4.36
C THR B 94 -18.68 18.50 5.30
N ASN B 95 -19.69 17.83 5.82
CA ASN B 95 -20.67 18.44 6.72
C ASN B 95 -20.53 17.77 8.07
N VAL B 96 -19.84 18.44 8.99
CA VAL B 96 -19.46 17.75 10.24
C VAL B 96 -20.68 17.36 11.04
N ASN B 97 -21.77 18.06 10.82
CA ASN B 97 -23.00 17.75 11.55
C ASN B 97 -23.64 16.45 11.05
N LEU B 98 -23.50 16.16 9.75
CA LEU B 98 -24.16 15.01 9.16
C LEU B 98 -23.24 13.88 8.72
N ASP B 99 -21.96 14.17 8.57
CA ASP B 99 -20.99 13.15 8.11
C ASP B 99 -20.35 12.44 9.31
N LYS B 100 -21.00 11.38 9.76
CA LYS B 100 -20.56 10.63 10.94
C LYS B 100 -20.13 9.24 10.47
N ASN B 101 -20.26 8.24 11.32
CA ASN B 101 -20.04 6.85 10.89
C ASN B 101 -21.15 6.38 9.95
N LEU B 102 -21.06 5.14 9.46
CA LEU B 102 -21.98 4.61 8.50
C LEU B 102 -23.44 4.71 8.99
N THR B 103 -23.71 4.26 10.21
CA THR B 103 -25.08 4.16 10.70
C THR B 103 -25.67 5.47 11.18
N ALA B 104 -24.85 6.32 11.74
CA ALA B 104 -25.34 7.56 12.34
C ALA B 104 -25.32 8.72 11.34
N GLY B 105 -24.54 8.56 10.29
CA GLY B 105 -24.39 9.61 9.27
C GLY B 105 -25.62 9.62 8.39
N ASP B 106 -25.87 10.76 7.76
CA ASP B 106 -27.05 10.92 6.91
C ASP B 106 -26.80 10.29 5.55
N THR B 107 -27.68 9.40 5.14
CA THR B 107 -27.54 8.68 3.88
C THR B 107 -27.45 9.63 2.70
N ASP B 108 -28.46 10.49 2.53
CA ASP B 108 -28.46 11.40 1.35
C ASP B 108 -27.23 12.30 1.32
N GLU B 109 -26.85 12.83 2.49
CA GLU B 109 -25.71 13.71 2.57
C GLU B 109 -24.39 12.98 2.23
N PHE B 110 -24.29 11.70 2.60
CA PHE B 110 -23.13 10.91 2.21
C PHE B 110 -22.94 10.99 0.71
N PHE B 111 -24.00 10.76 -0.06
CA PHE B 111 -23.87 10.71 -1.49
C PHE B 111 -23.75 12.09 -2.13
N ARG B 112 -24.28 13.11 -1.45
CA ARG B 112 -24.02 14.47 -1.85
C ARG B 112 -22.55 14.81 -1.72
N ILE B 113 -21.96 14.46 -0.59
CA ILE B 113 -20.52 14.73 -0.31
C ILE B 113 -19.64 13.96 -1.28
N LEU B 114 -19.97 12.69 -1.50
CA LEU B 114 -19.23 11.84 -2.42
C LEU B 114 -19.12 12.45 -3.82
N LYS B 115 -20.27 12.87 -4.38
CA LYS B 115 -20.28 13.49 -5.69
C LYS B 115 -19.60 14.87 -5.71
N ASP B 116 -19.86 15.65 -4.67
CA ASP B 116 -19.37 17.01 -4.59
C ASP B 116 -17.83 17.02 -4.62
N ASN B 117 -17.20 16.19 -3.80
CA ASN B 117 -15.76 16.15 -3.77
C ASN B 117 -15.18 15.52 -5.03
N VAL B 118 -15.72 14.39 -5.45
CA VAL B 118 -15.13 13.68 -6.60
C VAL B 118 -15.24 14.53 -7.88
N GLN B 119 -16.38 15.20 -8.06
CA GLN B 119 -16.60 16.00 -9.26
C GLN B 119 -15.70 17.24 -9.27
N SER B 120 -15.24 17.69 -8.09
CA SER B 120 -14.35 18.83 -7.99
C SER B 120 -12.96 18.52 -8.56
N VAL B 121 -12.70 17.24 -8.76
CA VAL B 121 -11.54 16.80 -9.52
C VAL B 121 -11.91 16.41 -10.96
N TYR B 122 -12.94 15.60 -11.08
CA TYR B 122 -13.35 15.04 -12.37
C TYR B 122 -13.64 16.14 -13.41
N LEU B 123 -14.49 17.08 -13.07
CA LEU B 123 -14.95 18.05 -14.02
C LEU B 123 -13.85 19.01 -14.53
N PRO B 124 -13.09 19.62 -13.60
CA PRO B 124 -12.07 20.57 -14.09
C PRO B 124 -10.90 19.90 -14.78
N ALA B 125 -10.54 18.71 -14.29
CA ALA B 125 -9.49 17.92 -14.92
C ALA B 125 -9.91 17.57 -16.34
N LYS B 126 -11.15 17.15 -16.52
CA LYS B 126 -11.66 16.79 -17.80
C LYS B 126 -11.59 17.97 -18.79
N ALA B 127 -11.93 19.16 -18.32
CA ALA B 127 -11.95 20.34 -19.17
C ALA B 127 -10.55 20.82 -19.51
N ALA B 128 -9.63 20.67 -18.55
CA ALA B 128 -8.29 21.22 -18.70
C ALA B 128 -7.40 20.38 -19.63
N ILE B 129 -7.66 19.08 -19.69
CA ILE B 129 -6.76 18.17 -20.39
C ILE B 129 -6.52 18.52 -21.86
N PRO B 130 -7.59 18.85 -22.61
CA PRO B 130 -7.34 19.23 -24.01
C PRO B 130 -6.43 20.41 -24.19
N HIS B 131 -6.56 21.43 -23.34
CA HIS B 131 -5.68 22.58 -23.39
C HIS B 131 -4.25 22.23 -23.02
N MET B 132 -4.08 21.40 -21.99
CA MET B 132 -2.77 20.91 -21.62
C MET B 132 -2.11 20.09 -22.73
N GLU B 133 -2.88 19.20 -23.34
CA GLU B 133 -2.37 18.42 -24.46
C GLU B 133 -1.79 19.35 -25.56
N LYS B 134 -2.49 20.43 -25.84
CA LYS B 134 -2.08 21.33 -26.93
C LYS B 134 -0.73 21.99 -26.70
N VAL B 135 -0.40 22.29 -25.44
CA VAL B 135 0.89 22.94 -25.14
C VAL B 135 2.00 21.93 -24.83
N GLY B 136 1.68 20.66 -24.91
CA GLY B 136 2.69 19.61 -24.83
C GLY B 136 2.85 19.01 -23.43
N GLY B 137 1.86 19.20 -22.57
CA GLY B 137 1.89 18.62 -21.24
C GLY B 137 1.31 19.51 -20.18
N GLY B 138 1.36 19.02 -18.96
CA GLY B 138 0.76 19.76 -17.85
C GLY B 138 0.88 18.98 -16.55
N SER B 139 0.44 19.63 -15.47
CA SER B 139 0.39 18.99 -14.19
C SER B 139 -0.92 19.29 -13.49
N ILE B 140 -1.63 18.25 -13.06
CA ILE B 140 -2.82 18.38 -12.27
C ILE B 140 -2.51 17.89 -10.83
N VAL B 141 -2.69 18.76 -9.85
CA VAL B 141 -2.39 18.45 -8.46
C VAL B 141 -3.71 18.45 -7.68
N ASN B 142 -4.04 17.31 -7.06
CA ASN B 142 -5.31 17.18 -6.32
C ASN B 142 -5.03 17.18 -4.83
N ILE B 143 -5.63 18.13 -4.13
CA ILE B 143 -5.54 18.18 -2.69
C ILE B 143 -6.55 17.15 -2.11
N SER B 144 -6.01 16.11 -1.50
CA SER B 144 -6.81 15.08 -0.84
C SER B 144 -6.60 15.36 0.63
N THR B 145 -6.70 14.33 1.47
CA THR B 145 -6.40 14.41 2.89
C THR B 145 -5.78 13.14 3.40
N ILE B 146 -5.07 13.21 4.53
CA ILE B 146 -4.48 12.04 5.08
C ILE B 146 -5.57 11.01 5.47
N GLY B 147 -6.80 11.49 5.68
CA GLY B 147 -7.93 10.61 5.95
C GLY B 147 -8.27 9.65 4.79
N SER B 148 -7.77 9.95 3.62
CA SER B 148 -8.05 9.12 2.46
C SER B 148 -7.30 7.79 2.58
N VAL B 149 -6.28 7.73 3.42
CA VAL B 149 -5.54 6.49 3.61
C VAL B 149 -5.50 6.09 5.08
N VAL B 150 -6.30 6.78 5.90
CA VAL B 150 -6.41 6.48 7.30
C VAL B 150 -7.88 6.37 7.71
N PRO B 151 -8.45 5.17 7.57
CA PRO B 151 -9.82 4.90 8.05
C PRO B 151 -10.07 5.47 9.43
N ASP B 152 -11.26 6.01 9.62
CA ASP B 152 -11.60 6.75 10.82
C ASP B 152 -12.93 6.24 11.36
N ILE B 153 -13.36 6.84 12.46
CA ILE B 153 -14.58 6.48 13.14
C ILE B 153 -15.74 7.47 12.86
N SER B 154 -15.43 8.53 12.14
CA SER B 154 -16.42 9.51 11.75
C SER B 154 -15.99 10.14 10.43
N ARG B 155 -16.79 11.05 9.90
CA ARG B 155 -16.51 11.66 8.61
C ARG B 155 -16.28 10.61 7.49
N ILE B 156 -17.13 9.62 7.45
CA ILE B 156 -16.99 8.51 6.53
C ILE B 156 -17.13 8.96 5.08
N ALA B 157 -18.06 9.88 4.79
CA ALA B 157 -18.20 10.40 3.45
C ALA B 157 -16.93 11.15 3.02
N TYR B 158 -16.36 11.93 3.93
CA TYR B 158 -15.11 12.63 3.65
C TYR B 158 -13.98 11.64 3.35
N CYS B 159 -13.83 10.63 4.17
CA CYS B 159 -12.77 9.64 3.99
C CYS B 159 -12.90 8.91 2.66
N VAL B 160 -14.07 8.34 2.41
CA VAL B 160 -14.32 7.55 1.22
C VAL B 160 -14.22 8.41 -0.06
N SER B 161 -14.79 9.59 -0.05
CA SER B 161 -14.75 10.44 -1.22
C SER B 161 -13.33 10.91 -1.59
N LYS B 162 -12.50 11.15 -0.59
CA LYS B 162 -11.13 11.51 -0.80
C LYS B 162 -10.29 10.31 -1.23
N SER B 163 -10.61 9.13 -0.73
CA SER B 163 -9.94 7.92 -1.20
C SER B 163 -10.27 7.74 -2.69
N ALA B 164 -11.51 8.03 -3.06
CA ALA B 164 -11.93 7.95 -4.43
C ALA B 164 -11.13 8.93 -5.29
N ILE B 165 -10.84 10.11 -4.75
CA ILE B 165 -10.03 11.09 -5.46
C ILE B 165 -8.59 10.57 -5.67
N ASN B 166 -8.01 9.87 -4.68
CA ASN B 166 -6.69 9.31 -4.87
C ASN B 166 -6.69 8.29 -6.02
N SER B 167 -7.71 7.47 -6.06
CA SER B 167 -7.86 6.51 -7.17
C SER B 167 -7.98 7.25 -8.50
N LEU B 168 -8.76 8.31 -8.53
CA LEU B 168 -9.06 9.03 -9.76
C LEU B 168 -7.76 9.73 -10.25
N THR B 169 -6.97 10.21 -9.29
CA THR B 169 -5.67 10.78 -9.54
C THR B 169 -4.79 9.80 -10.31
N GLN B 170 -4.75 8.57 -9.83
CA GLN B 170 -3.87 7.57 -10.37
C GLN B 170 -4.32 7.08 -11.74
N ASN B 171 -5.61 6.95 -11.92
CA ASN B 171 -6.16 6.63 -13.25
C ASN B 171 -5.94 7.74 -14.25
N ILE B 172 -6.13 8.99 -13.85
CA ILE B 172 -5.87 10.11 -14.75
C ILE B 172 -4.42 10.09 -15.15
N ALA B 173 -3.53 9.89 -14.17
CA ALA B 173 -2.11 9.87 -14.41
C ALA B 173 -1.73 8.83 -15.47
N LEU B 174 -2.31 7.64 -15.36
CA LEU B 174 -1.99 6.58 -16.29
C LEU B 174 -2.53 6.92 -17.71
N GLN B 175 -3.70 7.53 -17.74
CA GLN B 175 -4.45 7.73 -18.99
C GLN B 175 -3.87 8.86 -19.85
N TYR B 176 -3.16 9.81 -19.27
CA TYR B 176 -2.67 10.96 -20.03
C TYR B 176 -1.17 11.18 -19.96
N ALA B 177 -0.46 10.19 -19.40
CA ALA B 177 0.99 10.19 -19.42
C ALA B 177 1.57 10.30 -20.81
N ARG B 178 0.89 9.70 -21.83
CA ARG B 178 1.48 9.79 -23.18
C ARG B 178 1.47 11.22 -23.70
N LYS B 179 0.62 12.05 -23.11
CA LYS B 179 0.52 13.45 -23.51
C LYS B 179 1.33 14.36 -22.61
N ASN B 180 2.14 13.75 -21.73
CA ASN B 180 2.97 14.48 -20.78
C ASN B 180 2.12 15.30 -19.78
N ILE B 181 0.90 14.82 -19.54
CA ILE B 181 0.07 15.37 -18.51
C ILE B 181 0.21 14.49 -17.26
N ARG B 182 0.68 15.08 -16.16
CA ARG B 182 0.89 14.36 -14.91
C ARG B 182 -0.22 14.65 -13.95
N CYS B 183 -0.46 13.72 -13.04
CA CYS B 183 -1.48 13.87 -12.01
C CYS B 183 -1.01 13.24 -10.72
N ASN B 184 -1.03 14.04 -9.66
CA ASN B 184 -0.56 13.64 -8.37
C ASN B 184 -1.45 14.18 -7.28
N ALA B 185 -1.46 13.51 -6.13
CA ALA B 185 -2.28 13.93 -5.04
C ALA B 185 -1.46 14.27 -3.80
N VAL B 186 -1.83 15.39 -3.17
CA VAL B 186 -1.19 15.84 -1.93
C VAL B 186 -2.20 15.69 -0.79
N LEU B 187 -1.78 15.03 0.28
CA LEU B 187 -2.68 14.62 1.38
C LEU B 187 -2.27 15.35 2.66
N PRO B 188 -2.92 16.49 2.92
CA PRO B 188 -2.56 17.19 4.15
C PRO B 188 -3.10 16.54 5.38
N GLY B 189 -2.40 16.73 6.50
CA GLY B 189 -2.92 16.31 7.81
C GLY B 189 -3.57 17.55 8.40
N LEU B 190 -3.41 17.71 9.69
CA LEU B 190 -3.99 18.85 10.40
C LEU B 190 -3.19 20.10 10.12
N ILE B 191 -3.84 21.03 9.42
CA ILE B 191 -3.23 22.31 9.08
C ILE B 191 -4.01 23.42 9.77
N GLY B 192 -3.30 24.42 10.28
CA GLY B 192 -3.93 25.45 11.09
C GLY B 192 -4.61 26.49 10.24
N THR B 193 -5.63 26.07 9.51
CA THR B 193 -6.46 26.97 8.71
C THR B 193 -7.80 27.20 9.39
N ARG B 194 -8.57 28.10 8.85
CA ARG B 194 -9.90 28.39 9.35
C ARG B 194 -10.75 27.14 9.38
N ALA B 195 -10.67 26.32 8.33
CA ALA B 195 -11.52 25.15 8.23
C ALA B 195 -11.36 24.20 9.42
N ALA B 196 -10.13 23.90 9.78
CA ALA B 196 -9.86 23.01 10.92
C ALA B 196 -10.19 23.68 12.24
N LEU B 197 -9.78 24.93 12.38
CA LEU B 197 -9.98 25.65 13.65
C LEU B 197 -11.45 25.91 13.93
N GLU B 198 -12.23 26.16 12.89
CA GLU B 198 -13.63 26.45 13.08
C GLU B 198 -14.52 25.21 13.17
N ASN B 199 -14.13 24.12 12.52
CA ASN B 199 -15.00 22.93 12.46
C ASN B 199 -14.62 21.82 13.41
N MET B 200 -13.39 21.83 13.89
CA MET B 200 -12.92 20.81 14.82
C MET B 200 -12.65 21.48 16.17
N THR B 201 -13.13 20.85 17.23
CA THR B 201 -13.00 21.43 18.55
C THR B 201 -11.54 21.41 19.00
N ASP B 202 -11.24 22.20 20.02
CA ASP B 202 -9.89 22.26 20.58
C ASP B 202 -9.44 20.88 21.09
N GLU B 203 -10.36 20.14 21.74
CA GLU B 203 -10.00 18.87 22.31
C GLU B 203 -9.74 17.84 21.21
N PHE B 204 -10.47 17.92 20.10
CA PHE B 204 -10.15 17.04 18.98
C PHE B 204 -8.75 17.34 18.44
N ARG B 205 -8.46 18.60 18.20
CA ARG B 205 -7.22 19.00 17.57
C ARG B 205 -6.00 18.74 18.51
N ASP B 206 -6.25 18.90 19.80
CA ASP B 206 -5.24 18.59 20.84
C ASP B 206 -4.91 17.05 20.85
N SER B 207 -5.94 16.22 20.87
CA SER B 207 -5.78 14.80 20.71
C SER B 207 -5.02 14.46 19.43
N PHE B 208 -5.46 15.00 18.29
CA PHE B 208 -4.84 14.72 17.01
C PHE B 208 -3.34 15.06 17.03
N LEU B 209 -3.02 16.27 17.51
CA LEU B 209 -1.64 16.75 17.58
C LEU B 209 -0.73 15.77 18.29
N GLY B 210 -1.24 15.15 19.35
CA GLY B 210 -0.48 14.24 20.15
C GLY B 210 -0.03 12.99 19.39
N HIS B 211 -0.72 12.64 18.31
CA HIS B 211 -0.32 11.51 17.46
C HIS B 211 0.48 11.94 16.21
N VAL B 212 0.89 13.20 16.16
CA VAL B 212 1.70 13.71 15.03
C VAL B 212 3.17 13.64 15.39
N PRO B 213 3.93 12.68 14.82
CA PRO B 213 5.32 12.54 15.22
C PRO B 213 6.17 13.82 15.14
N LEU B 214 6.01 14.62 14.09
CA LEU B 214 6.87 15.79 13.98
C LEU B 214 6.38 16.91 14.90
N ASN B 215 5.26 16.66 15.58
CA ASN B 215 4.95 17.37 16.83
C ASN B 215 4.62 18.83 16.69
N ARG B 216 3.96 19.16 15.58
CA ARG B 216 3.36 20.49 15.41
C ARG B 216 2.18 20.35 14.48
N VAL B 217 1.35 21.37 14.50
CA VAL B 217 0.28 21.55 13.50
C VAL B 217 0.92 22.03 12.20
N GLY B 218 0.36 21.59 11.08
CA GLY B 218 0.88 21.97 9.79
C GLY B 218 0.56 23.42 9.44
N ARG B 219 1.29 23.94 8.46
CA ARG B 219 1.01 25.23 7.89
C ARG B 219 0.55 25.09 6.42
N PRO B 220 -0.24 26.05 5.94
CA PRO B 220 -0.63 26.06 4.51
C PRO B 220 0.57 26.03 3.58
N GLU B 221 1.64 26.69 3.99
CA GLU B 221 2.87 26.68 3.22
C GLU B 221 3.43 25.26 3.02
N ASP B 222 3.27 24.39 4.02
CA ASP B 222 3.77 23.03 3.91
C ASP B 222 3.12 22.34 2.70
N ILE B 223 1.83 22.55 2.54
CA ILE B 223 1.08 21.96 1.46
C ILE B 223 1.48 22.64 0.16
N ALA B 224 1.58 23.96 0.18
CA ALA B 224 1.94 24.73 -1.02
C ALA B 224 3.26 24.31 -1.60
N ASN B 225 4.22 24.00 -0.70
CA ASN B 225 5.54 23.61 -1.15
C ASN B 225 5.52 22.28 -1.87
N ALA B 226 4.65 21.37 -1.44
CA ALA B 226 4.48 20.11 -2.16
C ALA B 226 3.79 20.38 -3.51
N VAL B 227 2.79 21.26 -3.50
CA VAL B 227 2.07 21.61 -4.70
C VAL B 227 3.05 22.18 -5.77
N LEU B 228 3.93 23.05 -5.34
CA LEU B 228 4.94 23.63 -6.22
C LEU B 228 5.83 22.54 -6.86
N TYR B 229 6.34 21.63 -6.02
CA TYR B 229 7.14 20.49 -6.51
C TYR B 229 6.40 19.77 -7.66
N TYR B 230 5.14 19.41 -7.42
CA TYR B 230 4.36 18.62 -8.36
C TYR B 230 3.92 19.41 -9.59
N ALA B 231 3.75 20.72 -9.43
CA ALA B 231 3.38 21.59 -10.50
C ALA B 231 4.49 21.84 -11.49
N SER B 232 5.73 21.76 -11.02
CA SER B 232 6.88 22.15 -11.81
C SER B 232 7.59 20.96 -12.43
N ASP B 233 8.51 21.26 -13.35
CA ASP B 233 9.28 20.22 -14.01
C ASP B 233 10.27 19.53 -13.07
N ASP B 234 10.45 20.08 -11.89
CA ASP B 234 11.25 19.39 -10.88
C ASP B 234 10.68 18.01 -10.53
N SER B 235 9.41 17.78 -10.86
CA SER B 235 8.77 16.48 -10.66
C SER B 235 8.32 15.91 -12.03
N GLY B 236 9.04 16.29 -13.06
CA GLY B 236 8.65 15.93 -14.42
C GLY B 236 8.62 14.44 -14.71
N TYR B 237 9.27 13.64 -13.87
CA TYR B 237 9.27 12.20 -14.08
C TYR B 237 8.42 11.51 -13.00
N VAL B 238 7.55 12.28 -12.38
CA VAL B 238 6.74 11.78 -11.25
C VAL B 238 5.24 11.94 -11.53
N THR B 239 4.54 10.83 -11.48
CA THR B 239 3.11 10.85 -11.76
C THR B 239 2.44 9.72 -10.99
N GLY B 240 1.19 9.96 -10.57
CA GLY B 240 0.42 9.01 -9.80
C GLY B 240 0.80 8.94 -8.32
N MET B 241 1.57 9.87 -7.82
CA MET B 241 1.99 9.83 -6.45
C MET B 241 0.85 10.17 -5.47
N ILE B 242 0.89 9.48 -4.31
CA ILE B 242 0.08 9.81 -3.19
C ILE B 242 1.02 10.40 -2.15
N HIS B 243 0.96 11.72 -2.00
CA HIS B 243 1.99 12.44 -1.26
C HIS B 243 1.48 12.94 0.09
N GLU B 244 2.02 12.34 1.18
CA GLU B 244 1.55 12.64 2.52
C GLU B 244 2.25 13.84 3.14
N VAL B 245 1.48 14.83 3.54
CA VAL B 245 2.01 15.96 4.25
C VAL B 245 1.25 16.15 5.57
N ALA B 246 1.53 15.28 6.53
CA ALA B 246 0.79 15.23 7.76
C ALA B 246 1.68 15.03 8.98
N GLY B 247 2.95 15.40 8.86
CA GLY B 247 3.88 15.31 10.01
C GLY B 247 4.14 13.88 10.45
N GLY B 248 3.76 12.92 9.61
CA GLY B 248 3.97 11.52 9.93
C GLY B 248 2.80 10.88 10.66
N PHE B 249 1.68 11.59 10.74
CA PHE B 249 0.44 11.06 11.27
C PHE B 249 0.08 9.72 10.63
N ALA B 250 -0.15 8.71 11.50
CA ALA B 250 -0.55 7.38 11.11
C ALA B 250 0.49 6.60 10.36
N LEU B 251 1.76 7.08 10.37
CA LEU B 251 2.81 6.37 9.72
C LEU B 251 3.13 5.02 10.36
N GLY B 252 3.00 4.94 11.68
CA GLY B 252 3.39 3.74 12.40
C GLY B 252 2.45 3.37 13.54
N THR B 253 3.00 2.69 14.55
CA THR B 253 2.19 2.07 15.58
C THR B 253 1.32 3.06 16.33
N PRO B 254 0.06 2.65 16.65
CA PRO B 254 -0.79 3.54 17.44
C PRO B 254 -0.32 3.69 18.86
N GLN B 255 0.67 2.90 19.26
CA GLN B 255 1.31 3.05 20.57
C GLN B 255 2.26 4.26 20.61
N TYR B 256 2.47 4.90 19.48
CA TYR B 256 3.46 5.96 19.39
C TYR B 256 3.32 7.00 20.50
N SER B 257 2.12 7.55 20.66
CA SER B 257 1.95 8.71 21.59
C SER B 257 2.22 8.36 23.06
N GLU B 258 1.98 7.12 23.45
CA GLU B 258 2.24 6.75 24.87
C GLU B 258 3.70 6.45 25.13
N TYR B 259 4.41 5.98 24.12
CA TYR B 259 5.83 5.68 24.29
C TYR B 259 6.73 6.85 23.88
N CYS B 260 6.18 7.80 23.13
CA CYS B 260 6.90 9.00 22.72
C CYS B 260 6.06 10.24 23.02
N PRO B 261 5.70 10.46 24.29
CA PRO B 261 4.78 11.54 24.60
C PRO B 261 5.36 12.89 24.31
N ARG B 262 4.52 13.80 23.85
CA ARG B 262 4.91 15.16 23.67
C ARG B 262 4.74 15.71 25.06
N LYS C 2 21.00 29.68 -1.01
CA LYS C 2 19.54 29.79 -0.74
C LYS C 2 18.72 28.86 0.21
N ARG C 3 17.94 27.85 -0.20
CA ARG C 3 17.18 27.07 0.75
C ARG C 3 18.03 26.33 1.74
N LEU C 4 19.31 26.12 1.43
CA LEU C 4 20.14 25.29 2.29
C LEU C 4 21.34 26.03 2.79
N GLU C 5 21.23 27.35 2.86
CA GLU C 5 22.35 28.13 3.28
C GLU C 5 22.70 27.76 4.69
N GLY C 6 23.99 27.56 4.95
CA GLY C 6 24.48 27.26 6.28
C GLY C 6 24.38 25.78 6.67
N LYS C 7 23.88 24.96 5.80
CA LYS C 7 23.74 23.56 6.08
C LYS C 7 24.93 22.78 5.58
N VAL C 8 25.16 21.66 6.22
CA VAL C 8 26.19 20.70 5.87
C VAL C 8 25.53 19.42 5.42
N ALA C 9 25.90 18.94 4.25
CA ALA C 9 25.30 17.71 3.71
C ALA C 9 26.38 16.68 3.42
N ILE C 10 26.00 15.40 3.49
CA ILE C 10 26.81 14.31 3.05
C ILE C 10 26.07 13.49 2.00
N VAL C 11 26.73 13.23 0.87
CA VAL C 11 26.15 12.37 -0.17
C VAL C 11 27.17 11.26 -0.44
N THR C 12 26.77 10.02 -0.20
CA THR C 12 27.61 8.86 -0.51
C THR C 12 27.59 8.52 -1.98
N SER C 13 28.70 7.98 -2.47
CA SER C 13 28.83 7.53 -3.86
C SER C 13 28.44 8.63 -4.84
N SER C 14 29.11 9.77 -4.75
CA SER C 14 28.64 10.99 -5.40
C SER C 14 29.62 11.57 -6.42
N THR C 15 30.49 10.74 -6.98
CA THR C 15 31.41 11.18 -8.00
C THR C 15 30.79 11.10 -9.40
N ARG C 16 29.67 10.40 -9.53
CA ARG C 16 28.92 10.38 -10.79
C ARG C 16 27.45 10.06 -10.57
N GLY C 17 26.69 10.15 -11.68
CA GLY C 17 25.30 9.72 -11.70
C GLY C 17 24.40 10.42 -10.70
N ILE C 18 23.51 9.63 -10.09
CA ILE C 18 22.53 10.16 -9.18
C ILE C 18 23.19 10.88 -8.02
N GLY C 19 24.26 10.30 -7.52
CA GLY C 19 24.96 10.87 -6.38
C GLY C 19 25.52 12.22 -6.71
N ARG C 20 26.19 12.31 -7.84
CA ARG C 20 26.77 13.59 -8.24
C ARG C 20 25.71 14.65 -8.43
N ALA C 21 24.64 14.28 -9.15
CA ALA C 21 23.57 15.23 -9.44
C ALA C 21 22.94 15.76 -8.17
N SER C 22 22.76 14.87 -7.22
CA SER C 22 22.23 15.26 -5.91
C SER C 22 23.19 16.19 -5.17
N ALA C 23 24.47 15.86 -5.14
CA ALA C 23 25.44 16.74 -4.51
C ALA C 23 25.43 18.12 -5.17
N GLU C 24 25.36 18.14 -6.51
CA GLU C 24 25.29 19.39 -7.25
C GLU C 24 24.07 20.21 -6.91
N ALA C 25 22.90 19.55 -6.82
CA ALA C 25 21.67 20.24 -6.55
C ALA C 25 21.70 20.85 -5.16
N LEU C 26 22.24 20.10 -4.18
CA LEU C 26 22.32 20.62 -2.83
C LEU C 26 23.27 21.81 -2.74
N ALA C 27 24.42 21.69 -3.36
CA ALA C 27 25.43 22.77 -3.36
C ALA C 27 24.90 24.03 -4.02
N LYS C 28 24.11 23.86 -5.08
CA LYS C 28 23.51 24.99 -5.76
C LYS C 28 22.58 25.77 -4.86
N GLU C 29 21.98 25.09 -3.89
CA GLU C 29 21.08 25.74 -2.94
C GLU C 29 21.79 26.18 -1.66
N GLY C 30 23.12 26.12 -1.66
CA GLY C 30 23.91 26.73 -0.62
C GLY C 30 24.47 25.79 0.45
N ALA C 31 24.19 24.50 0.34
CA ALA C 31 24.70 23.55 1.31
C ALA C 31 26.20 23.33 1.09
N LEU C 32 26.93 23.13 2.19
CA LEU C 32 28.28 22.66 2.11
C LEU C 32 28.20 21.15 1.99
N VAL C 33 28.59 20.64 0.84
CA VAL C 33 28.34 19.23 0.52
C VAL C 33 29.61 18.42 0.56
N TYR C 34 29.63 17.40 1.42
CA TYR C 34 30.70 16.44 1.43
C TYR C 34 30.41 15.32 0.45
N LEU C 35 31.35 15.12 -0.47
CA LEU C 35 31.35 13.95 -1.34
C LEU C 35 31.99 12.79 -0.62
N ALA C 36 31.16 11.88 -0.11
CA ALA C 36 31.65 10.69 0.56
C ALA C 36 31.91 9.64 -0.50
N ALA C 37 33.17 9.45 -0.85
CA ALA C 37 33.50 8.70 -2.05
C ALA C 37 34.80 7.94 -1.89
N ARG C 38 34.99 6.94 -2.72
CA ARG C 38 36.16 6.08 -2.61
C ARG C 38 37.38 6.68 -3.36
N SER C 39 37.13 7.54 -4.35
CA SER C 39 38.23 8.20 -5.08
C SER C 39 38.36 9.69 -4.84
N GLU C 40 39.44 10.07 -4.15
CA GLU C 40 39.70 11.46 -3.86
C GLU C 40 40.00 12.26 -5.15
N GLU C 41 40.71 11.64 -6.08
CA GLU C 41 41.03 12.29 -7.35
C GLU C 41 39.78 12.70 -8.09
N LEU C 42 38.84 11.78 -8.15
CA LEU C 42 37.58 11.99 -8.88
C LEU C 42 36.70 12.99 -8.13
N ALA C 43 36.67 12.88 -6.82
CA ALA C 43 35.93 13.82 -5.97
C ALA C 43 36.47 15.22 -6.19
N ASN C 44 37.80 15.36 -6.25
CA ASN C 44 38.39 16.67 -6.51
C ASN C 44 37.94 17.27 -7.84
N GLU C 45 37.65 16.46 -8.84
CA GLU C 45 37.09 16.97 -10.10
C GLU C 45 35.72 17.57 -9.89
N VAL C 46 34.85 16.82 -9.21
CA VAL C 46 33.48 17.26 -8.96
C VAL C 46 33.48 18.51 -8.12
N ILE C 47 34.36 18.53 -7.12
CA ILE C 47 34.52 19.68 -6.25
C ILE C 47 34.90 20.93 -7.06
N ALA C 48 35.83 20.78 -7.98
CA ALA C 48 36.29 21.92 -8.79
C ALA C 48 35.15 22.48 -9.63
N ASP C 49 34.27 21.59 -10.08
CA ASP C 49 33.14 22.01 -10.92
C ASP C 49 32.03 22.66 -10.13
N ILE C 50 31.79 22.16 -8.91
CA ILE C 50 30.84 22.74 -8.02
C ILE C 50 31.29 24.12 -7.63
N LYS C 51 32.60 24.28 -7.49
CA LYS C 51 33.18 25.58 -7.14
C LYS C 51 33.02 26.58 -8.27
N LYS C 52 33.22 26.11 -9.50
CA LYS C 52 32.99 26.93 -10.69
C LYS C 52 31.59 27.51 -10.68
N GLN C 53 30.64 26.75 -10.15
CA GLN C 53 29.23 27.14 -10.13
C GLN C 53 28.87 28.02 -8.93
N GLY C 54 29.81 28.27 -8.04
CA GLY C 54 29.58 29.13 -6.89
C GLY C 54 29.24 28.37 -5.60
N GLY C 55 29.41 27.05 -5.61
CA GLY C 55 29.08 26.21 -4.46
C GLY C 55 30.32 25.73 -3.77
N VAL C 56 30.15 25.17 -2.58
CA VAL C 56 31.27 24.60 -1.82
C VAL C 56 31.05 23.13 -1.66
N ALA C 57 32.04 22.34 -2.05
CA ALA C 57 32.01 20.90 -1.74
C ALA C 57 33.37 20.47 -1.20
N LYS C 58 33.39 19.41 -0.43
CA LYS C 58 34.61 18.84 0.15
C LYS C 58 34.59 17.32 0.01
N PHE C 59 35.69 16.68 0.33
CA PHE C 59 35.83 15.23 0.18
C PHE C 59 35.97 14.55 1.52
N VAL C 60 35.33 13.39 1.64
CA VAL C 60 35.61 12.51 2.77
C VAL C 60 35.64 11.07 2.26
N TYR C 61 36.58 10.28 2.77
CA TYR C 61 36.78 8.93 2.27
C TYR C 61 35.68 7.97 2.70
N PHE C 62 35.11 7.27 1.72
CA PHE C 62 34.09 6.26 1.96
C PHE C 62 34.24 5.14 0.93
N ASN C 63 34.28 3.92 1.41
CA ASN C 63 34.20 2.75 0.55
C ASN C 63 33.30 1.71 1.19
N ALA C 64 32.30 1.29 0.44
CA ALA C 64 31.28 0.35 0.95
C ALA C 64 31.90 -1.00 1.35
N ARG C 65 33.05 -1.32 0.78
CA ARG C 65 33.80 -2.53 1.08
C ARG C 65 34.44 -2.45 2.43
N GLU C 66 34.67 -1.25 2.93
CA GLU C 66 35.24 -1.02 4.25
C GLU C 66 34.19 -0.40 5.14
N GLU C 67 33.39 -1.25 5.80
CA GLU C 67 32.17 -0.80 6.46
C GLU C 67 32.41 0.22 7.56
N GLU C 68 33.62 0.23 8.09
CA GLU C 68 34.00 1.17 9.08
C GLU C 68 33.91 2.58 8.63
N THR C 69 34.06 2.78 7.32
CA THR C 69 34.07 4.13 6.76
C THR C 69 32.71 4.79 6.83
N TYR C 70 31.63 4.02 6.91
CA TYR C 70 30.32 4.64 7.04
C TYR C 70 30.29 5.51 8.28
N THR C 71 30.87 5.00 9.35
CA THR C 71 30.88 5.71 10.61
C THR C 71 31.99 6.76 10.63
N SER C 72 33.17 6.43 10.12
CA SER C 72 34.29 7.38 10.19
C SER C 72 34.04 8.61 9.33
N MET C 73 33.48 8.44 8.16
CA MET C 73 33.17 9.59 7.35
C MET C 73 32.24 10.55 8.08
N VAL C 74 31.26 10.02 8.83
CA VAL C 74 30.32 10.88 9.52
C VAL C 74 30.99 11.61 10.64
N GLU C 75 31.87 10.92 11.35
CA GLU C 75 32.57 11.53 12.45
C GLU C 75 33.53 12.58 11.94
N LYS C 76 34.11 12.34 10.78
CA LYS C 76 35.05 13.29 10.20
C LYS C 76 34.35 14.57 9.85
N VAL C 77 33.19 14.45 9.21
CA VAL C 77 32.44 15.61 8.81
C VAL C 77 31.96 16.40 10.04
N ALA C 78 31.38 15.69 10.99
CA ALA C 78 30.93 16.34 12.20
C ALA C 78 32.08 17.11 12.91
N GLU C 79 33.27 16.51 12.95
CA GLU C 79 34.45 17.18 13.53
C GLU C 79 34.90 18.41 12.73
N ALA C 80 34.93 18.27 11.41
CA ALA C 80 35.42 19.35 10.55
C ALA C 80 34.49 20.58 10.56
N GLU C 81 33.17 20.36 10.55
CA GLU C 81 32.21 21.44 10.38
C GLU C 81 31.39 21.75 11.65
N GLY C 82 31.40 20.84 12.62
CA GLY C 82 30.73 21.06 13.88
C GLY C 82 29.25 20.67 13.87
N ARG C 83 28.78 20.16 12.74
CA ARG C 83 27.35 19.84 12.56
C ARG C 83 27.18 18.96 11.36
N ILE C 84 26.05 18.27 11.31
CA ILE C 84 25.57 17.62 10.07
C ILE C 84 24.07 17.84 10.01
N ASP C 85 23.58 18.30 8.86
CA ASP C 85 22.15 18.57 8.67
C ASP C 85 21.47 17.56 7.76
N ILE C 86 22.18 17.13 6.74
CA ILE C 86 21.62 16.31 5.68
C ILE C 86 22.50 15.11 5.36
N LEU C 87 21.86 13.95 5.22
CA LEU C 87 22.54 12.72 4.79
C LEU C 87 21.77 12.13 3.62
N VAL C 88 22.43 12.01 2.48
CA VAL C 88 21.85 11.32 1.32
C VAL C 88 22.57 10.00 1.12
N ASN C 89 21.91 8.90 1.45
CA ASN C 89 22.48 7.56 1.28
C ASN C 89 22.17 7.02 -0.12
N ASN C 90 23.15 7.14 -1.00
CA ASN C 90 22.98 6.84 -2.41
C ASN C 90 23.69 5.55 -2.83
N TYR C 91 24.67 5.08 -2.07
CA TYR C 91 25.32 3.80 -2.38
C TYR C 91 24.30 2.67 -2.44
N GLY C 92 24.44 1.83 -3.46
CA GLY C 92 23.58 0.67 -3.60
C GLY C 92 23.90 -0.04 -4.89
N GLY C 93 23.46 -1.29 -4.99
CA GLY C 93 23.66 -2.05 -6.20
C GLY C 93 23.44 -3.53 -6.02
N THR C 94 23.96 -4.29 -6.99
CA THR C 94 23.83 -5.72 -6.98
C THR C 94 24.82 -6.36 -7.93
N ASN C 95 24.83 -7.67 -7.94
CA ASN C 95 25.71 -8.46 -8.80
C ASN C 95 24.88 -9.13 -9.90
N VAL C 96 24.89 -8.58 -11.11
CA VAL C 96 23.99 -9.10 -12.13
C VAL C 96 24.33 -10.54 -12.52
N ASN C 97 25.57 -10.98 -12.31
CA ASN C 97 25.91 -12.35 -12.66
C ASN C 97 25.26 -13.36 -11.72
N LEU C 98 25.11 -12.96 -10.46
CA LEU C 98 24.73 -13.89 -9.39
C LEU C 98 23.39 -13.59 -8.75
N ASP C 99 22.87 -12.37 -8.95
CA ASP C 99 21.59 -12.02 -8.36
C ASP C 99 20.45 -12.23 -9.35
N LYS C 100 19.89 -13.43 -9.34
CA LYS C 100 18.86 -13.79 -10.31
C LYS C 100 17.61 -14.09 -9.51
N ASN C 101 16.80 -15.04 -9.96
CA ASN C 101 15.65 -15.48 -9.15
C ASN C 101 16.05 -16.28 -7.92
N LEU C 102 15.06 -16.75 -7.17
CA LEU C 102 15.30 -17.49 -5.96
C LEU C 102 16.22 -18.67 -6.15
N THR C 103 15.91 -19.51 -7.12
CA THR C 103 16.59 -20.79 -7.30
C THR C 103 17.93 -20.67 -8.07
N ALA C 104 17.98 -19.79 -9.05
CA ALA C 104 19.19 -19.62 -9.89
C ALA C 104 20.21 -18.68 -9.31
N GLY C 105 19.78 -17.76 -8.45
CA GLY C 105 20.70 -16.83 -7.81
C GLY C 105 21.56 -17.48 -6.74
N ASP C 106 22.69 -16.88 -6.46
CA ASP C 106 23.64 -17.44 -5.48
C ASP C 106 23.16 -17.17 -4.06
N THR C 107 23.10 -18.21 -3.24
CA THR C 107 22.68 -18.08 -1.87
C THR C 107 23.52 -17.10 -1.07
N ASP C 108 24.83 -17.34 -1.00
CA ASP C 108 25.67 -16.51 -0.18
C ASP C 108 25.70 -15.07 -0.68
N GLU C 109 25.69 -14.88 -2.00
CA GLU C 109 25.69 -13.53 -2.55
C GLU C 109 24.41 -12.78 -2.20
N PHE C 110 23.27 -13.49 -2.17
CA PHE C 110 22.02 -12.88 -1.80
C PHE C 110 22.16 -12.18 -0.46
N PHE C 111 22.73 -12.88 0.52
CA PHE C 111 22.82 -12.32 1.84
C PHE C 111 23.92 -11.27 1.95
N ARG C 112 24.93 -11.37 1.10
CA ARG C 112 25.97 -10.34 1.06
C ARG C 112 25.36 -9.03 0.59
N ILE C 113 24.58 -9.11 -0.50
CA ILE C 113 23.89 -7.97 -1.07
C ILE C 113 22.89 -7.41 -0.06
N LEU C 114 22.20 -8.29 0.65
CA LEU C 114 21.19 -7.88 1.58
C LEU C 114 21.83 -6.99 2.64
N LYS C 115 22.91 -7.48 3.24
CA LYS C 115 23.66 -6.71 4.25
C LYS C 115 24.33 -5.47 3.67
N ASP C 116 24.92 -5.61 2.49
CA ASP C 116 25.63 -4.49 1.82
C ASP C 116 24.72 -3.31 1.61
N ASN C 117 23.53 -3.56 1.06
CA ASN C 117 22.64 -2.46 0.80
C ASN C 117 22.01 -1.91 2.08
N VAL C 118 21.52 -2.77 2.96
CA VAL C 118 20.86 -2.28 4.15
C VAL C 118 21.81 -1.52 5.09
N GLN C 119 23.02 -2.02 5.28
CA GLN C 119 23.97 -1.37 6.15
C GLN C 119 24.40 0.01 5.61
N SER C 120 24.22 0.21 4.30
CA SER C 120 24.60 1.48 3.65
C SER C 120 23.68 2.61 4.09
N VAL C 121 22.55 2.22 4.69
CA VAL C 121 21.63 3.16 5.29
C VAL C 121 21.73 3.12 6.79
N TYR C 122 21.67 1.91 7.35
CA TYR C 122 21.73 1.74 8.80
C TYR C 122 22.94 2.40 9.43
N LEU C 123 24.13 2.09 8.94
CA LEU C 123 25.37 2.54 9.61
C LEU C 123 25.58 4.06 9.58
N PRO C 124 25.49 4.70 8.39
CA PRO C 124 25.71 6.12 8.44
C PRO C 124 24.57 6.91 9.13
N ALA C 125 23.33 6.50 8.95
CA ALA C 125 22.19 7.13 9.62
C ALA C 125 22.37 7.04 11.14
N LYS C 126 22.76 5.88 11.61
CA LYS C 126 23.03 5.68 13.07
C LYS C 126 24.09 6.65 13.62
N ALA C 127 25.14 6.89 12.85
CA ALA C 127 26.22 7.80 13.30
C ALA C 127 25.81 9.25 13.17
N ALA C 128 24.94 9.55 12.18
CA ALA C 128 24.58 10.93 11.90
C ALA C 128 23.60 11.49 12.87
N ILE C 129 22.69 10.63 13.33
CA ILE C 129 21.61 11.06 14.14
C ILE C 129 21.99 11.98 15.30
N PRO C 130 22.94 11.55 16.15
CA PRO C 130 23.26 12.41 17.27
C PRO C 130 23.74 13.81 16.89
N HIS C 131 24.45 13.93 15.78
CA HIS C 131 24.85 15.23 15.29
C HIS C 131 23.65 16.05 14.82
N MET C 132 22.74 15.39 14.14
CA MET C 132 21.49 16.06 13.73
C MET C 132 20.67 16.52 14.94
N GLU C 133 20.57 15.67 15.97
CA GLU C 133 19.81 16.04 17.16
C GLU C 133 20.36 17.33 17.74
N LYS C 134 21.68 17.42 17.76
CA LYS C 134 22.40 18.54 18.38
C LYS C 134 22.06 19.88 17.75
N VAL C 135 21.79 19.92 16.44
CA VAL C 135 21.42 21.17 15.77
C VAL C 135 19.93 21.36 15.60
N GLY C 136 19.15 20.49 16.21
CA GLY C 136 17.69 20.66 16.25
C GLY C 136 16.95 20.01 15.11
N GLY C 137 17.58 19.05 14.46
CA GLY C 137 16.96 18.32 13.37
C GLY C 137 17.86 18.00 12.20
N GLY C 138 17.29 17.32 11.22
CA GLY C 138 18.02 16.92 10.05
C GLY C 138 17.14 16.17 9.06
N SER C 139 17.70 15.85 7.90
CA SER C 139 17.00 15.08 6.91
C SER C 139 17.91 13.98 6.36
N ILE C 140 17.38 12.76 6.37
CA ILE C 140 18.05 11.61 5.81
C ILE C 140 17.25 11.13 4.61
N VAL C 141 17.89 11.16 3.44
CA VAL C 141 17.24 10.75 2.22
C VAL C 141 17.90 9.47 1.71
N ASN C 142 17.14 8.41 1.58
CA ASN C 142 17.66 7.11 1.15
C ASN C 142 17.24 6.84 -0.27
N ILE C 143 18.20 6.50 -1.10
CA ILE C 143 17.95 6.19 -2.47
C ILE C 143 17.69 4.68 -2.60
N SER C 144 16.40 4.36 -2.79
CA SER C 144 15.94 3.00 -2.99
C SER C 144 15.93 2.72 -4.52
N THR C 145 14.82 2.19 -5.02
CA THR C 145 14.60 1.90 -6.41
C THR C 145 13.12 1.53 -6.57
N ILE C 146 12.59 1.72 -7.76
CA ILE C 146 11.22 1.34 -8.03
C ILE C 146 11.02 -0.17 -7.89
N GLY C 147 12.08 -0.93 -8.04
CA GLY C 147 12.06 -2.38 -7.85
C GLY C 147 11.72 -2.84 -6.44
N SER C 148 11.83 -1.93 -5.47
CA SER C 148 11.51 -2.19 -4.08
C SER C 148 10.01 -2.35 -3.83
N VAL C 149 9.22 -1.83 -4.75
CA VAL C 149 7.76 -1.99 -4.70
C VAL C 149 7.20 -2.64 -5.95
N VAL C 150 8.06 -3.20 -6.78
CA VAL C 150 7.66 -3.92 -7.98
C VAL C 150 8.41 -5.24 -8.07
N PRO C 151 7.82 -6.30 -7.53
CA PRO C 151 8.46 -7.62 -7.61
C PRO C 151 8.80 -7.97 -9.02
N ASP C 152 9.93 -8.65 -9.19
CA ASP C 152 10.49 -8.91 -10.53
C ASP C 152 10.81 -10.39 -10.65
N ILE C 153 11.33 -10.79 -11.79
CA ILE C 153 11.67 -12.20 -12.05
C ILE C 153 13.18 -12.44 -11.96
N SER C 154 13.91 -11.40 -11.61
CA SER C 154 15.33 -11.49 -11.35
C SER C 154 15.79 -10.37 -10.44
N ARG C 155 17.07 -10.41 -10.07
CA ARG C 155 17.65 -9.47 -9.13
C ARG C 155 16.82 -9.45 -7.83
N ILE C 156 16.54 -10.65 -7.33
CA ILE C 156 15.76 -10.80 -6.13
C ILE C 156 16.40 -10.18 -4.88
N ALA C 157 17.74 -10.28 -4.77
CA ALA C 157 18.43 -9.66 -3.66
C ALA C 157 18.35 -8.14 -3.70
N TYR C 158 18.40 -7.61 -4.92
CA TYR C 158 18.27 -6.18 -5.14
C TYR C 158 16.90 -5.71 -4.71
N CYS C 159 15.89 -6.38 -5.19
CA CYS C 159 14.51 -6.06 -4.85
C CYS C 159 14.26 -6.16 -3.35
N VAL C 160 14.62 -7.29 -2.76
CA VAL C 160 14.34 -7.51 -1.35
C VAL C 160 15.11 -6.55 -0.44
N SER C 161 16.40 -6.35 -0.71
CA SER C 161 17.22 -5.49 0.11
C SER C 161 16.73 -4.03 0.03
N LYS C 162 16.26 -3.60 -1.13
CA LYS C 162 15.79 -2.25 -1.28
C LYS C 162 14.42 -2.04 -0.64
N SER C 163 13.60 -3.08 -0.68
CA SER C 163 12.37 -3.09 0.11
C SER C 163 12.68 -2.97 1.60
N ALA C 164 13.70 -3.68 2.07
CA ALA C 164 14.12 -3.57 3.48
C ALA C 164 14.49 -2.14 3.84
N ILE C 165 15.18 -1.47 2.89
CA ILE C 165 15.52 -0.07 3.06
C ILE C 165 14.31 0.83 3.22
N ASN C 166 13.30 0.63 2.37
CA ASN C 166 12.00 1.32 2.52
C ASN C 166 11.43 1.17 3.93
N SER C 167 11.42 -0.03 4.43
CA SER C 167 10.95 -0.29 5.80
C SER C 167 11.87 0.40 6.83
N LEU C 168 13.18 0.34 6.60
CA LEU C 168 14.12 0.94 7.51
C LEU C 168 13.92 2.45 7.56
N THR C 169 13.66 3.03 6.37
CA THR C 169 13.38 4.43 6.23
C THR C 169 12.23 4.87 7.12
N GLN C 170 11.14 4.11 7.12
CA GLN C 170 9.96 4.51 7.83
C GLN C 170 10.11 4.31 9.34
N ASN C 171 10.81 3.28 9.73
CA ASN C 171 11.07 3.05 11.18
C ASN C 171 11.97 4.14 11.73
N ILE C 172 12.98 4.57 10.94
CA ILE C 172 13.84 5.65 11.36
C ILE C 172 13.05 6.93 11.48
N ALA C 173 12.21 7.18 10.46
CA ALA C 173 11.34 8.34 10.44
C ALA C 173 10.48 8.43 11.67
N LEU C 174 9.82 7.32 12.03
CA LEU C 174 9.01 7.32 13.25
C LEU C 174 9.82 7.55 14.52
N GLN C 175 10.97 6.91 14.59
CA GLN C 175 11.79 6.90 15.81
C GLN C 175 12.51 8.21 16.15
N TYR C 176 12.72 9.08 15.18
CA TYR C 176 13.43 10.31 15.42
C TYR C 176 12.65 11.56 15.06
N ALA C 177 11.35 11.40 14.78
CA ALA C 177 10.51 12.54 14.51
C ALA C 177 10.45 13.54 15.65
N ARG C 178 10.48 13.06 16.88
CA ARG C 178 10.46 13.97 18.04
C ARG C 178 11.72 14.84 18.06
N LYS C 179 12.80 14.38 17.44
CA LYS C 179 14.05 15.15 17.36
C LYS C 179 14.14 15.95 16.10
N ASN C 180 13.00 16.03 15.37
CA ASN C 180 12.92 16.79 14.12
C ASN C 180 13.88 16.25 13.06
N ILE C 181 14.11 14.96 13.11
CA ILE C 181 14.90 14.27 12.08
C ILE C 181 13.93 13.51 11.22
N ARG C 182 14.00 13.80 9.93
CA ARG C 182 13.08 13.20 8.96
C ARG C 182 13.85 12.23 8.10
N CYS C 183 13.17 11.19 7.67
CA CYS C 183 13.76 10.16 6.84
C CYS C 183 12.76 9.75 5.77
N ASN C 184 13.17 9.88 4.52
CA ASN C 184 12.30 9.64 3.33
C ASN C 184 13.10 8.86 2.29
N ALA C 185 12.41 8.08 1.47
CA ALA C 185 13.07 7.30 0.40
C ALA C 185 12.63 7.78 -0.96
N VAL C 186 13.61 7.83 -1.87
CA VAL C 186 13.38 8.21 -3.28
C VAL C 186 13.71 6.99 -4.17
N LEU C 187 12.72 6.54 -4.93
CA LEU C 187 12.84 5.31 -5.70
C LEU C 187 12.97 5.61 -7.21
N PRO C 188 14.21 5.56 -7.72
CA PRO C 188 14.33 5.83 -9.16
C PRO C 188 13.91 4.67 -10.02
N GLY C 189 13.34 4.96 -11.19
CA GLY C 189 13.19 3.95 -12.20
C GLY C 189 14.42 3.94 -13.10
N LEU C 190 14.20 3.75 -14.41
CA LEU C 190 15.31 3.66 -15.34
C LEU C 190 15.90 5.01 -15.58
N ILE C 191 17.13 5.22 -15.10
CA ILE C 191 17.83 6.50 -15.24
C ILE C 191 19.06 6.35 -16.13
N GLY C 192 19.25 7.29 -17.04
CA GLY C 192 20.40 7.29 -17.94
C GLY C 192 21.79 7.51 -17.32
N THR C 193 22.15 6.68 -16.36
CA THR C 193 23.50 6.66 -15.81
C THR C 193 24.32 5.44 -16.27
N ARG C 194 25.60 5.44 -15.90
CA ARG C 194 26.51 4.34 -16.19
C ARG C 194 25.92 3.00 -15.75
N ALA C 195 25.39 2.95 -14.54
CA ALA C 195 24.94 1.71 -13.94
C ALA C 195 23.91 1.00 -14.82
N ALA C 196 22.86 1.70 -15.22
CA ALA C 196 21.84 1.12 -16.08
C ALA C 196 22.32 0.88 -17.49
N LEU C 197 23.05 1.86 -18.03
CA LEU C 197 23.45 1.82 -19.43
C LEU C 197 24.54 0.81 -19.69
N GLU C 198 25.38 0.52 -18.70
CA GLU C 198 26.48 -0.43 -18.86
C GLU C 198 26.22 -1.83 -18.32
N ASN C 199 25.24 -1.98 -17.42
CA ASN C 199 24.91 -3.30 -16.86
C ASN C 199 23.67 -3.96 -17.44
N MET C 200 22.80 -3.19 -18.07
CA MET C 200 21.59 -3.72 -18.68
C MET C 200 21.68 -3.60 -20.19
N THR C 201 21.19 -4.61 -20.90
CA THR C 201 21.29 -4.62 -22.36
C THR C 201 20.39 -3.58 -23.00
N ASP C 202 20.70 -3.17 -24.21
CA ASP C 202 19.79 -2.33 -24.98
C ASP C 202 18.37 -2.92 -25.00
N GLU C 203 18.27 -4.20 -25.28
CA GLU C 203 16.96 -4.75 -25.44
C GLU C 203 16.15 -4.76 -24.13
N PHE C 204 16.80 -4.96 -22.98
CA PHE C 204 16.12 -4.88 -21.71
C PHE C 204 15.60 -3.46 -21.46
N ARG C 205 16.48 -2.50 -21.69
CA ARG C 205 16.13 -1.09 -21.45
C ARG C 205 15.08 -0.59 -22.42
N ASP C 206 15.08 -1.12 -23.63
CA ASP C 206 14.07 -0.75 -24.62
C ASP C 206 12.72 -1.34 -24.20
N SER C 207 12.74 -2.59 -23.77
CA SER C 207 11.53 -3.22 -23.21
C SER C 207 11.00 -2.43 -22.01
N PHE C 208 11.89 -2.09 -21.09
CA PHE C 208 11.52 -1.37 -19.88
C PHE C 208 10.86 -0.06 -20.24
N LEU C 209 11.49 0.69 -21.13
CA LEU C 209 10.99 1.99 -21.56
C LEU C 209 9.58 1.93 -22.15
N GLY C 210 9.25 0.82 -22.82
CA GLY C 210 7.93 0.67 -23.42
C GLY C 210 6.83 0.66 -22.37
N HIS C 211 7.18 0.34 -21.11
CA HIS C 211 6.22 0.28 -20.03
C HIS C 211 6.26 1.54 -19.14
N VAL C 212 7.03 2.54 -19.54
CA VAL C 212 7.10 3.81 -18.83
C VAL C 212 6.08 4.79 -19.41
N PRO C 213 5.00 5.05 -18.68
CA PRO C 213 3.95 5.93 -19.21
C PRO C 213 4.44 7.28 -19.74
N LEU C 214 5.34 7.92 -19.02
CA LEU C 214 5.77 9.26 -19.42
C LEU C 214 6.79 9.17 -20.55
N ASN C 215 7.13 7.96 -20.95
CA ASN C 215 7.72 7.71 -22.26
C ASN C 215 9.09 8.31 -22.50
N ARG C 216 9.93 8.28 -21.49
CA ARG C 216 11.35 8.66 -21.66
C ARG C 216 12.14 7.99 -20.55
N VAL C 217 13.44 7.93 -20.75
CA VAL C 217 14.38 7.51 -19.69
C VAL C 217 14.54 8.71 -18.76
N GLY C 218 14.64 8.44 -17.47
CA GLY C 218 14.86 9.50 -16.50
C GLY C 218 16.27 10.05 -16.52
N ARG C 219 16.46 11.18 -15.86
CA ARG C 219 17.81 11.79 -15.74
C ARG C 219 18.19 11.82 -14.27
N PRO C 220 19.51 11.83 -13.99
CA PRO C 220 19.92 11.89 -12.58
C PRO C 220 19.31 13.15 -11.94
N GLU C 221 19.14 14.21 -12.74
CA GLU C 221 18.55 15.44 -12.22
C GLU C 221 17.11 15.23 -11.66
N ASP C 222 16.37 14.30 -12.24
CA ASP C 222 15.03 14.00 -11.76
C ASP C 222 15.11 13.48 -10.33
N ILE C 223 16.08 12.63 -10.06
CA ILE C 223 16.27 12.11 -8.72
C ILE C 223 16.79 13.22 -7.79
N ALA C 224 17.82 13.93 -8.21
CA ALA C 224 18.38 15.00 -7.42
C ALA C 224 17.34 16.05 -7.00
N ASN C 225 16.39 16.30 -7.87
CA ASN C 225 15.34 17.25 -7.59
C ASN C 225 14.41 16.76 -6.44
N ALA C 226 14.13 15.48 -6.39
CA ALA C 226 13.40 14.91 -5.26
C ALA C 226 14.23 14.96 -3.98
N VAL C 227 15.52 14.66 -4.11
CA VAL C 227 16.44 14.68 -2.95
C VAL C 227 16.42 16.09 -2.36
N LEU C 228 16.46 17.08 -3.23
CA LEU C 228 16.48 18.46 -2.78
C LEU C 228 15.22 18.79 -2.00
N TYR C 229 14.06 18.37 -2.52
CA TYR C 229 12.78 18.59 -1.85
C TYR C 229 12.85 18.03 -0.43
N TYR C 230 13.29 16.78 -0.31
CA TYR C 230 13.28 16.10 0.98
C TYR C 230 14.38 16.61 1.92
N ALA C 231 15.45 17.16 1.37
CA ALA C 231 16.56 17.66 2.16
C ALA C 231 16.26 19.01 2.81
N SER C 232 15.36 19.77 2.22
CA SER C 232 15.10 21.14 2.66
C SER C 232 13.86 21.22 3.53
N ASP C 233 13.67 22.39 4.14
CA ASP C 233 12.49 22.66 4.92
C ASP C 233 11.22 22.78 4.08
N ASP C 234 11.37 22.79 2.77
CA ASP C 234 10.22 22.73 1.88
C ASP C 234 9.40 21.45 2.15
N SER C 235 10.02 20.44 2.76
CA SER C 235 9.37 19.18 3.12
C SER C 235 9.40 18.95 4.62
N GLY C 236 9.43 20.05 5.38
CA GLY C 236 9.53 20.01 6.81
C GLY C 236 8.43 19.26 7.53
N TYR C 237 7.27 19.04 6.89
CA TYR C 237 6.18 18.32 7.54
C TYR C 237 5.99 16.95 6.89
N VAL C 238 7.02 16.46 6.25
CA VAL C 238 6.97 15.21 5.47
C VAL C 238 8.03 14.23 5.92
N THR C 239 7.60 13.06 6.39
CA THR C 239 8.53 12.04 6.82
C THR C 239 7.96 10.66 6.64
N GLY C 240 8.82 9.69 6.34
CA GLY C 240 8.43 8.33 6.06
C GLY C 240 7.87 8.09 4.68
N MET C 241 8.08 9.01 3.74
CA MET C 241 7.58 8.84 2.39
C MET C 241 8.40 7.86 1.56
N ILE C 242 7.69 7.16 0.70
CA ILE C 242 8.23 6.30 -0.36
C ILE C 242 7.90 6.97 -1.69
N HIS C 243 8.90 7.62 -2.27
CA HIS C 243 8.66 8.61 -3.34
C HIS C 243 9.14 8.02 -4.67
N GLU C 244 8.20 7.74 -5.56
CA GLU C 244 8.50 7.08 -6.83
C GLU C 244 8.89 8.06 -7.93
N VAL C 245 10.07 7.88 -8.49
CA VAL C 245 10.53 8.73 -9.59
C VAL C 245 10.92 7.80 -10.74
N ALA C 246 9.90 7.26 -11.42
CA ALA C 246 10.10 6.19 -12.38
C ALA C 246 9.22 6.40 -13.61
N GLY C 247 8.73 7.62 -13.80
CA GLY C 247 7.95 7.93 -15.00
C GLY C 247 6.57 7.30 -15.02
N GLY C 248 6.10 6.79 -13.88
CA GLY C 248 4.84 6.09 -13.81
C GLY C 248 4.96 4.58 -14.01
N PHE C 249 6.19 4.09 -14.12
CA PHE C 249 6.43 2.67 -14.32
C PHE C 249 5.72 1.83 -13.24
N ALA C 250 4.92 0.87 -13.70
CA ALA C 250 4.20 -0.08 -12.82
C ALA C 250 3.05 0.54 -12.01
N LEU C 251 2.66 1.75 -12.36
CA LEU C 251 1.56 2.43 -11.66
C LEU C 251 0.22 1.68 -11.84
N GLY C 252 -0.06 1.24 -13.05
CA GLY C 252 -1.28 0.58 -13.38
C GLY C 252 -1.12 -0.68 -14.24
N THR C 253 -2.14 -0.95 -15.03
CA THR C 253 -2.32 -2.26 -15.64
C THR C 253 -1.14 -2.67 -16.51
N PRO C 254 -0.77 -3.93 -16.46
CA PRO C 254 0.30 -4.40 -17.35
C PRO C 254 -0.08 -4.41 -18.82
N GLN C 255 -1.34 -4.18 -19.14
CA GLN C 255 -1.79 -4.09 -20.51
C GLN C 255 -1.42 -2.73 -21.13
N TYR C 256 -0.87 -1.83 -20.31
CA TYR C 256 -0.60 -0.47 -20.71
C TYR C 256 0.15 -0.35 -22.05
N SER C 257 1.33 -0.95 -22.15
CA SER C 257 2.18 -0.78 -23.34
C SER C 257 1.45 -1.29 -24.58
N GLU C 258 0.68 -2.33 -24.39
CA GLU C 258 -0.07 -2.92 -25.47
C GLU C 258 -1.10 -1.97 -26.06
N TYR C 259 -1.82 -1.25 -25.20
CA TYR C 259 -2.89 -0.38 -25.63
C TYR C 259 -2.47 1.07 -25.82
N CYS C 260 -1.27 1.42 -25.37
CA CYS C 260 -0.76 2.79 -25.50
C CYS C 260 0.65 2.73 -26.07
N PRO C 261 0.76 2.25 -27.31
CA PRO C 261 2.09 1.86 -27.80
C PRO C 261 2.92 3.08 -28.16
N ARG C 262 4.11 3.09 -27.57
CA ARG C 262 5.06 4.16 -27.63
C ARG C 262 5.41 4.51 -29.06
N MET D 1 -20.50 -31.48 12.46
CA MET D 1 -21.24 -30.21 12.53
C MET D 1 -20.63 -29.18 11.57
N LYS D 2 -21.43 -28.53 10.73
CA LYS D 2 -20.90 -27.64 9.71
C LYS D 2 -20.53 -26.30 10.28
N ARG D 3 -19.62 -25.65 9.58
CA ARG D 3 -19.01 -24.45 10.08
C ARG D 3 -20.00 -23.34 10.29
N LEU D 4 -21.04 -23.30 9.47
CA LEU D 4 -22.00 -22.20 9.49
C LEU D 4 -23.40 -22.68 9.88
N GLU D 5 -23.44 -23.74 10.68
CA GLU D 5 -24.70 -24.25 11.20
C GLU D 5 -25.43 -23.19 12.01
N GLY D 6 -26.68 -22.89 11.61
CA GLY D 6 -27.51 -21.94 12.32
C GLY D 6 -27.28 -20.46 11.99
N LYS D 7 -26.31 -20.18 11.13
CA LYS D 7 -26.09 -18.82 10.68
C LYS D 7 -27.04 -18.48 9.50
N VAL D 8 -27.37 -17.20 9.37
CA VAL D 8 -28.17 -16.69 8.25
C VAL D 8 -27.33 -15.74 7.40
N ALA D 9 -27.29 -16.01 6.09
CA ALA D 9 -26.54 -15.17 5.17
C ALA D 9 -27.41 -14.57 4.08
N ILE D 10 -26.98 -13.43 3.58
CA ILE D 10 -27.62 -12.81 2.42
C ILE D 10 -26.55 -12.57 1.34
N VAL D 11 -26.83 -12.99 0.11
CA VAL D 11 -25.96 -12.75 -1.01
C VAL D 11 -26.76 -12.07 -2.13
N THR D 12 -26.35 -10.85 -2.47
CA THR D 12 -27.00 -10.09 -3.50
C THR D 12 -26.56 -10.57 -4.87
N SER D 13 -27.48 -10.50 -5.86
CA SER D 13 -27.14 -10.79 -7.21
C SER D 13 -26.54 -12.18 -7.34
N SER D 14 -27.26 -13.16 -6.82
CA SER D 14 -26.75 -14.47 -6.64
C SER D 14 -27.45 -15.56 -7.43
N THR D 15 -28.08 -15.20 -8.55
CA THR D 15 -28.69 -16.22 -9.42
C THR D 15 -27.69 -16.79 -10.39
N ARG D 16 -26.52 -16.18 -10.51
CA ARG D 16 -25.46 -16.73 -11.35
C ARG D 16 -24.08 -16.21 -10.97
N GLY D 17 -23.07 -16.79 -11.62
CA GLY D 17 -21.70 -16.33 -11.46
C GLY D 17 -21.18 -16.38 -10.04
N ILE D 18 -20.43 -15.37 -9.68
CA ILE D 18 -19.78 -15.27 -8.39
C ILE D 18 -20.81 -15.38 -7.27
N GLY D 19 -21.91 -14.67 -7.42
CA GLY D 19 -22.94 -14.59 -6.40
C GLY D 19 -23.55 -15.96 -6.12
N ARG D 20 -23.85 -16.68 -7.19
CA ARG D 20 -24.39 -18.02 -7.06
C ARG D 20 -23.38 -18.94 -6.39
N ALA D 21 -22.14 -18.87 -6.84
CA ALA D 21 -21.09 -19.73 -6.31
C ALA D 21 -20.87 -19.47 -4.82
N SER D 22 -20.95 -18.21 -4.44
CA SER D 22 -20.83 -17.81 -3.05
C SER D 22 -21.96 -18.37 -2.21
N ALA D 23 -23.19 -18.25 -2.74
CA ALA D 23 -24.35 -18.78 -2.06
C ALA D 23 -24.19 -20.27 -1.86
N GLU D 24 -23.74 -20.96 -2.91
CA GLU D 24 -23.56 -22.39 -2.85
C GLU D 24 -22.55 -22.81 -1.80
N ALA D 25 -21.43 -22.09 -1.70
CA ALA D 25 -20.38 -22.43 -0.75
C ALA D 25 -20.85 -22.24 0.66
N LEU D 26 -21.62 -21.19 0.90
CA LEU D 26 -22.07 -20.87 2.24
C LEU D 26 -23.12 -21.90 2.67
N ALA D 27 -23.99 -22.28 1.74
CA ALA D 27 -25.04 -23.23 2.04
C ALA D 27 -24.46 -24.61 2.26
N LYS D 28 -23.40 -24.92 1.53
CA LYS D 28 -22.73 -26.21 1.67
C LYS D 28 -22.12 -26.34 3.08
N GLU D 29 -21.75 -25.21 3.69
CA GLU D 29 -21.21 -25.22 5.06
C GLU D 29 -22.29 -25.02 6.12
N GLY D 30 -23.54 -25.08 5.73
CA GLY D 30 -24.63 -25.17 6.68
C GLY D 30 -25.40 -23.89 6.96
N ALA D 31 -25.07 -22.82 6.24
CA ALA D 31 -25.77 -21.55 6.43
C ALA D 31 -27.11 -21.59 5.72
N LEU D 32 -28.09 -20.88 6.27
CA LEU D 32 -29.33 -20.59 5.54
C LEU D 32 -29.05 -19.37 4.70
N VAL D 33 -29.06 -19.57 3.39
CA VAL D 33 -28.67 -18.50 2.44
C VAL D 33 -29.86 -17.89 1.73
N TYR D 34 -30.05 -16.60 1.91
CA TYR D 34 -31.03 -15.88 1.13
C TYR D 34 -30.42 -15.34 -0.14
N LEU D 35 -31.02 -15.70 -1.27
CA LEU D 35 -30.67 -15.15 -2.58
C LEU D 35 -31.41 -13.86 -2.76
N ALA D 36 -30.71 -12.75 -2.57
CA ALA D 36 -31.29 -11.45 -2.75
C ALA D 36 -31.15 -11.07 -4.22
N ALA D 37 -32.23 -11.28 -4.98
CA ALA D 37 -32.15 -11.30 -6.43
C ALA D 37 -33.38 -10.74 -7.07
N ARG D 38 -33.26 -10.34 -8.35
CA ARG D 38 -34.35 -9.66 -9.02
C ARG D 38 -35.38 -10.62 -9.68
N SER D 39 -34.99 -11.85 -9.92
CA SER D 39 -35.85 -12.84 -10.57
C SER D 39 -36.14 -14.02 -9.63
N GLU D 40 -37.38 -14.09 -9.15
CA GLU D 40 -37.78 -15.20 -8.26
C GLU D 40 -37.72 -16.53 -9.00
N GLU D 41 -38.04 -16.49 -10.28
CA GLU D 41 -38.04 -17.68 -11.11
C GLU D 41 -36.68 -18.33 -11.15
N LEU D 42 -35.64 -17.55 -11.48
CA LEU D 42 -34.28 -18.10 -11.49
C LEU D 42 -33.83 -18.49 -10.10
N ALA D 43 -34.12 -17.66 -9.11
CA ALA D 43 -33.74 -17.96 -7.73
C ALA D 43 -34.26 -19.32 -7.29
N ASN D 44 -35.49 -19.65 -7.68
CA ASN D 44 -36.07 -20.96 -7.35
C ASN D 44 -35.29 -22.12 -7.99
N GLU D 45 -34.76 -21.91 -9.19
CA GLU D 45 -33.91 -22.92 -9.80
C GLU D 45 -32.65 -23.15 -8.97
N VAL D 46 -32.06 -22.06 -8.49
CA VAL D 46 -30.83 -22.15 -7.68
C VAL D 46 -31.14 -22.82 -6.35
N ILE D 47 -32.26 -22.41 -5.75
CA ILE D 47 -32.74 -23.01 -4.50
C ILE D 47 -32.92 -24.54 -4.65
N ALA D 48 -33.51 -24.97 -5.74
CA ALA D 48 -33.71 -26.41 -5.97
C ALA D 48 -32.38 -27.13 -6.11
N ASP D 49 -31.44 -26.51 -6.79
CA ASP D 49 -30.10 -27.08 -6.95
C ASP D 49 -29.35 -27.15 -5.62
N ILE D 50 -29.47 -26.10 -4.80
CA ILE D 50 -28.85 -26.08 -3.48
C ILE D 50 -29.47 -27.18 -2.60
N LYS D 51 -30.78 -27.35 -2.74
CA LYS D 51 -31.46 -28.36 -2.02
C LYS D 51 -30.91 -29.76 -2.36
N LYS D 52 -30.67 -30.01 -3.65
CA LYS D 52 -30.09 -31.26 -4.10
C LYS D 52 -28.69 -31.47 -3.57
N GLN D 53 -27.91 -30.38 -3.47
CA GLN D 53 -26.57 -30.46 -2.90
C GLN D 53 -26.64 -30.64 -1.36
N GLY D 54 -27.84 -30.59 -0.80
CA GLY D 54 -28.05 -30.83 0.61
C GLY D 54 -28.16 -29.58 1.48
N GLY D 55 -28.23 -28.41 0.86
CA GLY D 55 -28.27 -27.16 1.58
C GLY D 55 -29.62 -26.50 1.57
N VAL D 56 -29.76 -25.39 2.29
CA VAL D 56 -31.02 -24.66 2.35
C VAL D 56 -30.83 -23.21 1.91
N ALA D 57 -31.57 -22.80 0.90
CA ALA D 57 -31.54 -21.42 0.45
C ALA D 57 -32.94 -20.88 0.22
N LYS D 58 -33.09 -19.57 0.33
CA LYS D 58 -34.38 -18.94 0.08
C LYS D 58 -34.27 -17.68 -0.76
N PHE D 59 -35.44 -17.20 -1.22
CA PHE D 59 -35.50 -15.99 -2.05
C PHE D 59 -35.91 -14.75 -1.29
N VAL D 60 -35.28 -13.63 -1.59
CA VAL D 60 -35.79 -12.31 -1.19
C VAL D 60 -35.55 -11.34 -2.34
N TYR D 61 -36.55 -10.50 -2.61
CA TYR D 61 -36.51 -9.62 -3.75
C TYR D 61 -35.46 -8.50 -3.56
N PHE D 62 -34.64 -8.32 -4.59
CA PHE D 62 -33.69 -7.23 -4.62
C PHE D 62 -33.42 -6.83 -6.06
N ASN D 63 -33.53 -5.54 -6.32
CA ASN D 63 -33.15 -4.97 -7.60
C ASN D 63 -32.41 -3.68 -7.39
N ALA D 64 -31.23 -3.59 -7.99
CA ALA D 64 -30.33 -2.47 -7.78
C ALA D 64 -30.92 -1.16 -8.23
N ARG D 65 -31.86 -1.23 -9.16
CA ARG D 65 -32.49 -0.06 -9.74
C ARG D 65 -33.63 0.44 -8.87
N GLU D 66 -33.97 -0.34 -7.84
CA GLU D 66 -34.95 0.08 -6.85
C GLU D 66 -34.26 0.12 -5.49
N GLU D 67 -33.55 1.22 -5.25
CA GLU D 67 -32.63 1.31 -4.12
C GLU D 67 -33.27 1.01 -2.76
N GLU D 68 -34.57 1.21 -2.63
CA GLU D 68 -35.22 0.90 -1.36
C GLU D 68 -35.13 -0.60 -1.05
N THR D 69 -34.87 -1.43 -2.07
CA THR D 69 -34.84 -2.88 -1.83
C THR D 69 -33.59 -3.32 -1.11
N TYR D 70 -32.55 -2.49 -1.10
CA TYR D 70 -31.34 -2.80 -0.31
C TYR D 70 -31.70 -2.94 1.14
N THR D 71 -32.64 -2.13 1.57
CA THR D 71 -33.06 -2.08 2.95
C THR D 71 -34.20 -3.07 3.23
N SER D 72 -35.16 -3.16 2.31
CA SER D 72 -36.33 -4.00 2.57
C SER D 72 -35.96 -5.45 2.52
N MET D 73 -35.02 -5.79 1.65
CA MET D 73 -34.56 -7.18 1.58
C MET D 73 -33.91 -7.56 2.93
N VAL D 74 -33.15 -6.66 3.54
CA VAL D 74 -32.56 -6.92 4.84
C VAL D 74 -33.65 -7.10 5.93
N GLU D 75 -34.55 -6.14 6.00
CA GLU D 75 -35.63 -6.21 6.98
C GLU D 75 -36.48 -7.49 6.83
N LYS D 76 -36.75 -7.88 5.60
CA LYS D 76 -37.50 -9.10 5.35
C LYS D 76 -36.82 -10.34 5.89
N VAL D 77 -35.50 -10.44 5.66
CA VAL D 77 -34.72 -11.56 6.18
C VAL D 77 -34.74 -11.59 7.69
N ALA D 78 -34.51 -10.44 8.31
CA ALA D 78 -34.46 -10.38 9.76
C ALA D 78 -35.83 -10.79 10.36
N GLU D 79 -36.91 -10.33 9.74
CA GLU D 79 -38.24 -10.67 10.19
C GLU D 79 -38.52 -12.17 10.04
N ALA D 80 -38.12 -12.76 8.92
CA ALA D 80 -38.38 -14.16 8.69
C ALA D 80 -37.55 -15.08 9.58
N GLU D 81 -36.30 -14.69 9.85
CA GLU D 81 -35.35 -15.61 10.48
C GLU D 81 -34.95 -15.19 11.89
N GLY D 82 -35.26 -13.95 12.25
CA GLY D 82 -34.96 -13.45 13.57
C GLY D 82 -33.47 -13.12 13.78
N ARG D 83 -32.67 -13.20 12.73
CA ARG D 83 -31.25 -12.89 12.81
C ARG D 83 -30.65 -12.67 11.44
N ILE D 84 -29.54 -11.94 11.40
CA ILE D 84 -28.68 -11.88 10.21
C ILE D 84 -27.24 -11.97 10.67
N ASP D 85 -26.48 -12.86 10.06
CA ASP D 85 -25.08 -13.08 10.47
C ASP D 85 -24.08 -12.64 9.40
N ILE D 86 -24.45 -12.83 8.13
CA ILE D 86 -23.54 -12.70 7.02
C ILE D 86 -24.19 -11.93 5.89
N LEU D 87 -23.48 -10.92 5.37
CA LEU D 87 -23.90 -10.18 4.21
C LEU D 87 -22.80 -10.19 3.19
N VAL D 88 -23.12 -10.65 1.99
CA VAL D 88 -22.23 -10.62 0.86
C VAL D 88 -22.77 -9.67 -0.17
N ASN D 89 -22.08 -8.54 -0.34
CA ASN D 89 -22.47 -7.55 -1.31
C ASN D 89 -21.79 -7.78 -2.63
N ASN D 90 -22.51 -8.42 -3.55
CA ASN D 90 -21.90 -8.92 -4.78
C ASN D 90 -22.34 -8.14 -6.01
N TYR D 91 -23.47 -7.45 -5.95
CA TYR D 91 -23.88 -6.58 -7.06
C TYR D 91 -22.80 -5.55 -7.41
N GLY D 92 -22.58 -5.37 -8.69
CA GLY D 92 -21.68 -4.30 -9.14
C GLY D 92 -21.63 -4.32 -10.65
N GLY D 93 -21.28 -3.20 -11.24
CA GLY D 93 -20.89 -3.24 -12.62
C GLY D 93 -20.50 -1.90 -13.17
N THR D 94 -20.62 -1.81 -14.48
CA THR D 94 -20.36 -0.57 -15.17
C THR D 94 -21.05 -0.66 -16.52
N ASN D 95 -20.87 0.36 -17.32
CA ASN D 95 -21.44 0.43 -18.65
C ASN D 95 -20.27 0.58 -19.62
N VAL D 96 -19.92 -0.50 -20.31
CA VAL D 96 -18.70 -0.50 -21.10
C VAL D 96 -18.78 0.44 -22.29
N ASN D 97 -19.99 0.78 -22.72
CA ASN D 97 -20.13 1.74 -23.81
C ASN D 97 -19.79 3.17 -23.39
N LEU D 98 -20.09 3.51 -22.15
CA LEU D 98 -19.98 4.89 -21.65
C LEU D 98 -18.86 5.10 -20.64
N ASP D 99 -18.33 4.01 -20.09
CA ASP D 99 -17.31 4.11 -19.05
C ASP D 99 -15.92 3.92 -19.66
N LYS D 100 -15.37 5.02 -20.19
CA LYS D 100 -14.10 4.97 -20.88
C LYS D 100 -13.10 5.68 -19.99
N ASN D 101 -12.06 6.28 -20.56
CA ASN D 101 -11.17 7.13 -19.80
C ASN D 101 -11.85 8.42 -19.35
N LEU D 102 -11.11 9.30 -18.69
CA LEU D 102 -11.67 10.55 -18.17
C LEU D 102 -12.38 11.37 -19.25
N THR D 103 -11.69 11.65 -20.36
CA THR D 103 -12.20 12.58 -21.36
C THR D 103 -13.22 11.98 -22.32
N ALA D 104 -13.06 10.72 -22.67
CA ALA D 104 -13.99 10.09 -23.62
C ALA D 104 -15.22 9.49 -22.92
N GLY D 105 -15.08 9.14 -21.62
CA GLY D 105 -16.20 8.63 -20.87
C GLY D 105 -17.27 9.66 -20.64
N ASP D 106 -18.50 9.19 -20.44
CA ASP D 106 -19.65 10.05 -20.21
C ASP D 106 -19.70 10.56 -18.76
N THR D 107 -19.78 11.87 -18.62
CA THR D 107 -19.75 12.53 -17.32
C THR D 107 -20.88 12.07 -16.43
N ASP D 108 -22.11 12.20 -16.91
CA ASP D 108 -23.27 11.86 -16.07
C ASP D 108 -23.25 10.40 -15.69
N GLU D 109 -22.88 9.52 -16.62
CA GLU D 109 -22.86 8.10 -16.34
C GLU D 109 -21.74 7.72 -15.32
N PHE D 110 -20.64 8.45 -15.33
CA PHE D 110 -19.57 8.25 -14.34
C PHE D 110 -20.14 8.40 -12.92
N PHE D 111 -20.94 9.42 -12.67
CA PHE D 111 -21.44 9.63 -11.34
C PHE D 111 -22.61 8.71 -11.01
N ARG D 112 -23.35 8.30 -12.05
CA ARG D 112 -24.38 7.26 -11.88
C ARG D 112 -23.75 5.95 -11.42
N ILE D 113 -22.64 5.56 -12.07
CA ILE D 113 -21.92 4.34 -11.75
C ILE D 113 -21.32 4.42 -10.37
N LEU D 114 -20.72 5.58 -10.06
CA LEU D 114 -20.13 5.81 -8.73
C LEU D 114 -21.16 5.60 -7.63
N LYS D 115 -22.35 6.15 -7.78
CA LYS D 115 -23.37 6.05 -6.74
C LYS D 115 -23.98 4.63 -6.70
N ASP D 116 -24.24 4.09 -7.87
CA ASP D 116 -24.80 2.74 -8.01
C ASP D 116 -23.94 1.71 -7.27
N ASN D 117 -22.64 1.70 -7.57
CA ASN D 117 -21.77 0.70 -6.98
C ASN D 117 -21.57 0.95 -5.46
N VAL D 118 -21.23 2.18 -5.09
CA VAL D 118 -20.98 2.49 -3.68
C VAL D 118 -22.22 2.23 -2.83
N GLN D 119 -23.38 2.63 -3.30
CA GLN D 119 -24.59 2.46 -2.49
C GLN D 119 -24.93 0.99 -2.32
N SER D 120 -24.39 0.13 -3.18
CA SER D 120 -24.68 -1.28 -3.15
C SER D 120 -23.98 -1.97 -1.96
N VAL D 121 -23.04 -1.24 -1.35
CA VAL D 121 -22.42 -1.63 -0.10
C VAL D 121 -22.97 -0.82 1.05
N TYR D 122 -23.00 0.50 0.86
CA TYR D 122 -23.43 1.43 1.89
C TYR D 122 -24.81 1.10 2.45
N LEU D 123 -25.79 1.01 1.57
CA LEU D 123 -27.19 0.85 2.01
C LEU D 123 -27.44 -0.47 2.70
N PRO D 124 -27.05 -1.60 2.08
CA PRO D 124 -27.43 -2.83 2.78
C PRO D 124 -26.58 -3.11 4.03
N ALA D 125 -25.29 -2.67 4.01
CA ALA D 125 -24.49 -2.77 5.21
C ALA D 125 -25.14 -1.96 6.34
N LYS D 126 -25.55 -0.74 6.02
CA LYS D 126 -26.15 0.12 7.03
C LYS D 126 -27.43 -0.50 7.64
N ALA D 127 -28.22 -1.19 6.81
CA ALA D 127 -29.45 -1.82 7.33
C ALA D 127 -29.17 -3.09 8.13
N ALA D 128 -28.16 -3.84 7.73
CA ALA D 128 -27.89 -5.13 8.33
C ALA D 128 -27.19 -5.01 9.69
N ILE D 129 -26.40 -3.94 9.85
CA ILE D 129 -25.55 -3.79 11.02
C ILE D 129 -26.29 -3.94 12.36
N PRO D 130 -27.41 -3.23 12.52
CA PRO D 130 -28.13 -3.37 13.79
C PRO D 130 -28.58 -4.79 14.11
N HIS D 131 -28.98 -5.54 13.10
CA HIS D 131 -29.36 -6.94 13.29
C HIS D 131 -28.16 -7.78 13.69
N MET D 132 -27.03 -7.54 13.03
CA MET D 132 -25.79 -8.21 13.40
C MET D 132 -25.35 -7.87 14.83
N GLU D 133 -25.49 -6.61 15.23
CA GLU D 133 -25.14 -6.20 16.60
C GLU D 133 -25.92 -7.05 17.60
N LYS D 134 -27.17 -7.29 17.26
CA LYS D 134 -28.10 -7.96 18.14
C LYS D 134 -27.75 -9.41 18.39
N VAL D 135 -27.15 -10.09 17.42
CA VAL D 135 -26.72 -11.48 17.60
C VAL D 135 -25.28 -11.62 18.06
N GLY D 136 -24.64 -10.50 18.38
CA GLY D 136 -23.29 -10.54 18.92
C GLY D 136 -22.16 -10.45 17.91
N GLY D 137 -22.49 -10.15 16.66
CA GLY D 137 -21.47 -9.96 15.62
C GLY D 137 -21.93 -10.42 14.25
N GLY D 138 -21.06 -10.27 13.27
CA GLY D 138 -21.41 -10.59 11.91
C GLY D 138 -20.23 -10.33 10.98
N SER D 139 -20.42 -10.69 9.70
CA SER D 139 -19.38 -10.50 8.71
C SER D 139 -20.02 -9.95 7.44
N ILE D 140 -19.45 -8.85 6.96
CA ILE D 140 -19.89 -8.24 5.72
C ILE D 140 -18.74 -8.43 4.72
N VAL D 141 -19.05 -9.04 3.58
CA VAL D 141 -18.01 -9.31 2.58
C VAL D 141 -18.42 -8.56 1.30
N ASN D 142 -17.60 -7.65 0.92
CA ASN D 142 -17.84 -6.86 -0.26
C ASN D 142 -17.07 -7.35 -1.46
N ILE D 143 -17.76 -7.61 -2.56
CA ILE D 143 -17.10 -8.04 -3.78
C ILE D 143 -16.63 -6.78 -4.61
N SER D 144 -15.36 -6.56 -4.59
CA SER D 144 -14.77 -5.47 -5.33
C SER D 144 -14.29 -6.00 -6.71
N THR D 145 -13.08 -5.59 -7.11
CA THR D 145 -12.39 -5.99 -8.28
C THR D 145 -10.88 -5.63 -8.19
N ILE D 146 -10.08 -6.42 -8.87
CA ILE D 146 -8.69 -6.20 -8.91
C ILE D 146 -8.43 -4.79 -9.49
N GLY D 147 -9.32 -4.31 -10.34
CA GLY D 147 -9.22 -2.98 -10.93
C GLY D 147 -9.25 -1.86 -9.90
N SER D 148 -9.67 -2.19 -8.67
CA SER D 148 -9.74 -1.18 -7.60
C SER D 148 -8.36 -0.80 -7.10
N VAL D 149 -7.37 -1.65 -7.37
CA VAL D 149 -6.01 -1.39 -6.95
C VAL D 149 -5.03 -1.42 -8.14
N VAL D 150 -5.59 -1.49 -9.33
CA VAL D 150 -4.82 -1.45 -10.56
C VAL D 150 -5.39 -0.42 -11.54
N PRO D 151 -4.89 0.84 -11.47
CA PRO D 151 -5.34 1.89 -12.41
C PRO D 151 -5.26 1.38 -13.85
N ASP D 152 -6.18 1.87 -14.68
CA ASP D 152 -6.38 1.37 -16.01
C ASP D 152 -6.57 2.52 -16.97
N ILE D 153 -6.71 2.18 -18.24
CA ILE D 153 -6.83 3.19 -19.32
C ILE D 153 -8.27 3.27 -19.80
N SER D 154 -9.16 2.47 -19.19
CA SER D 154 -10.58 2.58 -19.43
C SER D 154 -11.37 2.13 -18.19
N ARG D 155 -12.70 2.24 -18.26
CA ARG D 155 -13.58 1.86 -17.16
C ARG D 155 -13.20 2.62 -15.87
N ILE D 156 -13.01 3.92 -16.02
CA ILE D 156 -12.53 4.75 -14.92
C ILE D 156 -13.59 4.84 -13.77
N ALA D 157 -14.85 4.90 -14.14
CA ALA D 157 -15.91 4.93 -13.12
C ALA D 157 -15.93 3.63 -12.35
N TYR D 158 -15.71 2.52 -13.06
CA TYR D 158 -15.66 1.20 -12.46
C TYR D 158 -14.47 1.10 -11.47
N CYS D 159 -13.31 1.53 -11.92
CA CYS D 159 -12.08 1.50 -11.10
C CYS D 159 -12.21 2.40 -9.86
N VAL D 160 -12.64 3.63 -10.08
CA VAL D 160 -12.72 4.61 -8.98
C VAL D 160 -13.78 4.20 -7.96
N SER D 161 -14.94 3.75 -8.43
CA SER D 161 -16.04 3.41 -7.55
C SER D 161 -15.71 2.19 -6.73
N LYS D 162 -15.04 1.21 -7.33
CA LYS D 162 -14.66 0.03 -6.62
C LYS D 162 -13.53 0.31 -5.62
N SER D 163 -12.67 1.27 -5.94
CA SER D 163 -11.68 1.73 -5.00
C SER D 163 -12.33 2.36 -3.78
N ALA D 164 -13.41 3.10 -4.05
CA ALA D 164 -14.18 3.71 -2.99
C ALA D 164 -14.81 2.63 -2.08
N ILE D 165 -15.25 1.53 -2.67
CA ILE D 165 -15.79 0.43 -1.90
C ILE D 165 -14.72 -0.16 -0.98
N ASN D 166 -13.49 -0.23 -1.44
CA ASN D 166 -12.40 -0.72 -0.61
C ASN D 166 -12.25 0.18 0.63
N SER D 167 -12.29 1.49 0.40
CA SER D 167 -12.17 2.46 1.46
C SER D 167 -13.38 2.35 2.41
N LEU D 168 -14.58 2.27 1.83
CA LEU D 168 -15.79 2.10 2.62
C LEU D 168 -15.71 0.83 3.52
N THR D 169 -15.18 -0.27 2.94
CA THR D 169 -14.99 -1.51 3.64
C THR D 169 -14.13 -1.32 4.90
N GLN D 170 -13.07 -0.58 4.76
CA GLN D 170 -12.11 -0.42 5.83
C GLN D 170 -12.62 0.50 6.91
N ASN D 171 -13.37 1.53 6.51
CA ASN D 171 -14.00 2.42 7.50
C ASN D 171 -15.11 1.69 8.26
N ILE D 172 -15.89 0.88 7.56
CA ILE D 172 -16.92 0.08 8.22
C ILE D 172 -16.22 -0.85 9.20
N ALA D 173 -15.18 -1.52 8.74
CA ALA D 173 -14.40 -2.44 9.57
C ALA D 173 -13.98 -1.75 10.87
N LEU D 174 -13.45 -0.55 10.75
CA LEU D 174 -12.96 0.15 11.94
C LEU D 174 -14.11 0.52 12.88
N GLN D 175 -15.23 0.90 12.29
CA GLN D 175 -16.32 1.54 13.04
C GLN D 175 -17.18 0.55 13.81
N TYR D 176 -17.18 -0.72 13.39
CA TYR D 176 -18.08 -1.70 13.98
C TYR D 176 -17.36 -2.89 14.55
N ALA D 177 -16.03 -2.81 14.58
CA ALA D 177 -15.21 -3.83 15.24
C ALA D 177 -15.63 -4.02 16.70
N ARG D 178 -15.99 -2.94 17.40
CA ARG D 178 -16.34 -3.03 18.78
C ARG D 178 -17.67 -3.76 18.97
N LYS D 179 -18.42 -3.94 17.89
CA LYS D 179 -19.63 -4.77 17.90
C LYS D 179 -19.38 -6.14 17.29
N ASN D 180 -18.10 -6.49 17.17
CA ASN D 180 -17.71 -7.76 16.59
C ASN D 180 -18.23 -7.95 15.16
N ILE D 181 -18.43 -6.84 14.46
CA ILE D 181 -18.87 -6.89 13.07
C ILE D 181 -17.63 -6.65 12.19
N ARG D 182 -17.26 -7.64 11.39
CA ARG D 182 -16.13 -7.55 10.50
C ARG D 182 -16.53 -7.18 9.07
N CYS D 183 -15.63 -6.49 8.38
CA CYS D 183 -15.88 -6.08 6.99
C CYS D 183 -14.59 -6.24 6.17
N ASN D 184 -14.67 -7.03 5.12
CA ASN D 184 -13.49 -7.33 4.29
C ASN D 184 -13.91 -7.29 2.82
N ALA D 185 -12.94 -7.03 1.95
CA ALA D 185 -13.19 -6.97 0.52
C ALA D 185 -12.45 -8.08 -0.24
N VAL D 186 -13.16 -8.73 -1.14
CA VAL D 186 -12.57 -9.73 -2.05
C VAL D 186 -12.54 -9.13 -3.49
N LEU D 187 -11.37 -9.18 -4.11
CA LEU D 187 -11.14 -8.50 -5.39
C LEU D 187 -10.90 -9.50 -6.54
N PRO D 188 -11.95 -9.81 -7.30
CA PRO D 188 -11.74 -10.80 -8.37
C PRO D 188 -10.96 -10.22 -9.53
N GLY D 189 -10.14 -11.05 -10.14
CA GLY D 189 -9.56 -10.79 -11.42
C GLY D 189 -10.50 -11.31 -12.50
N LEU D 190 -9.93 -11.79 -13.60
CA LEU D 190 -10.76 -12.28 -14.70
C LEU D 190 -11.30 -13.65 -14.36
N ILE D 191 -12.61 -13.72 -14.17
CA ILE D 191 -13.32 -14.94 -13.83
C ILE D 191 -14.19 -15.31 -15.05
N GLY D 192 -14.28 -16.60 -15.36
CA GLY D 192 -15.08 -17.06 -16.47
C GLY D 192 -16.57 -17.01 -16.18
N THR D 193 -17.14 -15.82 -16.18
CA THR D 193 -18.58 -15.66 -15.99
C THR D 193 -19.19 -14.96 -17.21
N ARG D 194 -20.51 -14.92 -17.24
CA ARG D 194 -21.26 -14.28 -18.32
C ARG D 194 -20.81 -12.84 -18.56
N ALA D 195 -20.60 -12.12 -17.47
CA ALA D 195 -20.37 -10.71 -17.58
C ALA D 195 -19.02 -10.33 -18.23
N ALA D 196 -17.97 -11.05 -17.88
CA ALA D 196 -16.68 -10.86 -18.57
C ALA D 196 -16.72 -11.39 -20.01
N LEU D 197 -17.36 -12.54 -20.21
CA LEU D 197 -17.39 -13.17 -21.54
C LEU D 197 -18.24 -12.39 -22.55
N GLU D 198 -19.32 -11.77 -22.08
CA GLU D 198 -20.23 -11.06 -22.96
C GLU D 198 -19.82 -9.59 -23.22
N ASN D 199 -19.18 -8.98 -22.24
CA ASN D 199 -18.86 -7.56 -22.29
C ASN D 199 -17.43 -7.23 -22.70
N MET D 200 -16.53 -8.19 -22.58
CA MET D 200 -15.16 -8.02 -22.97
C MET D 200 -14.89 -8.94 -24.16
N THR D 201 -14.11 -8.44 -25.12
CA THR D 201 -13.83 -9.20 -26.33
C THR D 201 -12.86 -10.35 -26.07
N ASP D 202 -12.80 -11.30 -26.99
CA ASP D 202 -11.82 -12.38 -26.89
C ASP D 202 -10.40 -11.83 -26.86
N GLU D 203 -10.16 -10.79 -27.63
CA GLU D 203 -8.85 -10.18 -27.71
C GLU D 203 -8.45 -9.62 -26.35
N PHE D 204 -9.35 -8.87 -25.72
CA PHE D 204 -9.06 -8.33 -24.42
C PHE D 204 -8.80 -9.43 -23.40
N ARG D 205 -9.71 -10.38 -23.35
CA ARG D 205 -9.61 -11.44 -22.42
C ARG D 205 -8.33 -12.21 -22.65
N ASP D 206 -7.95 -12.39 -23.90
CA ASP D 206 -6.74 -13.17 -24.14
C ASP D 206 -5.48 -12.42 -23.71
N SER D 207 -5.46 -11.14 -24.01
CA SER D 207 -4.36 -10.30 -23.58
C SER D 207 -4.25 -10.32 -22.04
N PHE D 208 -5.39 -10.17 -21.38
CA PHE D 208 -5.43 -10.12 -19.92
C PHE D 208 -4.81 -11.40 -19.38
N LEU D 209 -5.22 -12.53 -19.94
CA LEU D 209 -4.74 -13.81 -19.47
C LEU D 209 -3.24 -13.96 -19.57
N GLY D 210 -2.63 -13.36 -20.58
CA GLY D 210 -1.18 -13.41 -20.73
C GLY D 210 -0.40 -12.76 -19.60
N HIS D 211 -1.06 -11.89 -18.85
CA HIS D 211 -0.46 -11.20 -17.72
C HIS D 211 -0.87 -11.78 -16.37
N VAL D 212 -1.57 -12.91 -16.37
CA VAL D 212 -1.93 -13.64 -15.14
C VAL D 212 -0.86 -14.70 -14.81
N PRO D 213 -0.04 -14.46 -13.78
CA PRO D 213 1.09 -15.38 -13.55
C PRO D 213 0.67 -16.83 -13.36
N LEU D 214 -0.40 -17.07 -12.61
CA LEU D 214 -0.90 -18.43 -12.38
C LEU D 214 -1.57 -19.03 -13.64
N ASN D 215 -1.72 -18.22 -14.66
CA ASN D 215 -1.87 -18.72 -16.04
C ASN D 215 -3.16 -19.49 -16.36
N ARG D 216 -4.27 -19.05 -15.79
CA ARG D 216 -5.58 -19.53 -16.11
C ARG D 216 -6.59 -18.43 -15.79
N VAL D 217 -7.78 -18.56 -16.37
CA VAL D 217 -8.89 -17.75 -16.00
C VAL D 217 -9.43 -18.24 -14.66
N GLY D 218 -9.85 -17.31 -13.81
CA GLY D 218 -10.38 -17.67 -12.52
C GLY D 218 -11.75 -18.36 -12.65
N ARG D 219 -12.16 -19.04 -11.59
CA ARG D 219 -13.48 -19.62 -11.53
C ARG D 219 -14.31 -18.93 -10.45
N PRO D 220 -15.65 -18.92 -10.59
CA PRO D 220 -16.51 -18.35 -9.56
C PRO D 220 -16.25 -18.96 -8.18
N GLU D 221 -15.94 -20.24 -8.17
CA GLU D 221 -15.64 -20.95 -6.95
C GLU D 221 -14.41 -20.39 -6.23
N ASP D 222 -13.45 -19.84 -6.98
CA ASP D 222 -12.25 -19.23 -6.37
C ASP D 222 -12.67 -18.03 -5.51
N ILE D 223 -13.58 -17.22 -6.03
CA ILE D 223 -14.11 -16.08 -5.27
C ILE D 223 -14.93 -16.58 -4.07
N ALA D 224 -15.79 -17.57 -4.33
CA ALA D 224 -16.65 -18.13 -3.31
C ALA D 224 -15.86 -18.68 -2.12
N ASN D 225 -14.75 -19.35 -2.42
CA ASN D 225 -13.89 -19.90 -1.38
C ASN D 225 -13.30 -18.81 -0.46
N ALA D 226 -12.99 -17.66 -1.03
CA ALA D 226 -12.51 -16.54 -0.21
C ALA D 226 -13.66 -15.97 0.61
N VAL D 227 -14.81 -15.83 -0.01
CA VAL D 227 -16.02 -15.35 0.67
C VAL D 227 -16.31 -16.25 1.88
N LEU D 228 -16.18 -17.55 1.71
CA LEU D 228 -16.43 -18.47 2.80
C LEU D 228 -15.45 -18.21 3.98
N TYR D 229 -14.18 -18.01 3.66
CA TYR D 229 -13.18 -17.71 4.70
C TYR D 229 -13.58 -16.47 5.50
N TYR D 230 -13.93 -15.40 4.81
CA TYR D 230 -14.22 -14.12 5.50
C TYR D 230 -15.56 -14.13 6.23
N ALA D 231 -16.50 -14.92 5.70
CA ALA D 231 -17.83 -15.02 6.27
C ALA D 231 -17.84 -15.79 7.59
N SER D 232 -16.90 -16.70 7.74
CA SER D 232 -16.90 -17.65 8.86
C SER D 232 -15.95 -17.24 9.99
N ASP D 233 -16.05 -17.92 11.10
CA ASP D 233 -15.17 -17.70 12.25
C ASP D 233 -13.72 -18.09 12.00
N ASP D 234 -13.42 -18.76 10.90
CA ASP D 234 -12.06 -19.01 10.54
C ASP D 234 -11.28 -17.70 10.36
N SER D 235 -12.00 -16.61 10.10
CA SER D 235 -11.40 -15.29 9.94
C SER D 235 -11.82 -14.33 11.06
N GLY D 236 -12.14 -14.89 12.22
CA GLY D 236 -12.68 -14.12 13.35
C GLY D 236 -11.78 -13.02 13.88
N TYR D 237 -10.47 -13.05 13.54
CA TYR D 237 -9.54 -12.02 13.99
C TYR D 237 -9.05 -11.19 12.79
N VAL D 238 -9.83 -11.20 11.71
CA VAL D 238 -9.44 -10.58 10.47
C VAL D 238 -10.52 -9.56 10.02
N THR D 239 -10.12 -8.30 9.88
CA THR D 239 -11.04 -7.29 9.45
C THR D 239 -10.34 -6.17 8.72
N GLY D 240 -11.00 -5.64 7.71
CA GLY D 240 -10.43 -4.56 6.89
C GLY D 240 -9.48 -5.05 5.79
N MET D 241 -9.49 -6.35 5.50
CA MET D 241 -8.65 -6.87 4.45
C MET D 241 -9.09 -6.53 3.03
N ILE D 242 -8.10 -6.25 2.18
CA ILE D 242 -8.29 -6.12 0.72
C ILE D 242 -7.66 -7.37 0.11
N HIS D 243 -8.50 -8.30 -0.27
CA HIS D 243 -8.09 -9.68 -0.59
C HIS D 243 -8.10 -9.95 -2.09
N GLU D 244 -6.92 -10.11 -2.68
CA GLU D 244 -6.81 -10.24 -4.13
C GLU D 244 -6.96 -11.68 -4.61
N VAL D 245 -7.91 -11.91 -5.52
CA VAL D 245 -8.12 -13.22 -6.14
C VAL D 245 -8.08 -13.11 -7.67
N ALA D 246 -6.88 -12.91 -8.20
CA ALA D 246 -6.72 -12.58 -9.60
C ALA D 246 -5.52 -13.30 -10.23
N GLY D 247 -5.17 -14.41 -9.65
CA GLY D 247 -4.08 -15.26 -10.13
C GLY D 247 -2.72 -14.56 -10.19
N GLY D 248 -2.55 -13.49 -9.39
CA GLY D 248 -1.29 -12.75 -9.38
C GLY D 248 -1.22 -11.56 -10.33
N PHE D 249 -2.32 -11.27 -11.02
CA PHE D 249 -2.39 -10.16 -11.94
C PHE D 249 -1.97 -8.86 -11.28
N ALA D 250 -1.00 -8.19 -11.93
CA ALA D 250 -0.46 -6.92 -11.53
C ALA D 250 0.34 -6.99 -10.22
N LEU D 251 0.74 -8.18 -9.83
CA LEU D 251 1.53 -8.34 -8.59
C LEU D 251 2.91 -7.74 -8.77
N GLY D 252 3.45 -7.86 -9.96
CA GLY D 252 4.81 -7.43 -10.24
C GLY D 252 5.04 -6.79 -11.58
N THR D 253 6.30 -6.85 -12.04
CA THR D 253 6.72 -6.06 -13.18
C THR D 253 5.87 -6.30 -14.41
N PRO D 254 5.56 -5.24 -15.14
CA PRO D 254 4.80 -5.40 -16.38
C PRO D 254 5.61 -6.11 -17.47
N GLN D 255 6.90 -6.31 -17.24
CA GLN D 255 7.71 -7.09 -18.16
C GLN D 255 7.45 -8.57 -18.07
N TYR D 256 6.61 -8.99 -17.12
CA TYR D 256 6.41 -10.39 -16.80
C TYR D 256 6.02 -11.24 -17.99
N SER D 257 4.99 -10.81 -18.73
CA SER D 257 4.50 -11.60 -19.87
C SER D 257 5.55 -11.77 -20.94
N GLU D 258 6.45 -10.77 -21.05
CA GLU D 258 7.54 -10.87 -21.99
C GLU D 258 8.52 -11.94 -21.68
N TYR D 259 8.86 -12.07 -20.42
CA TYR D 259 9.91 -12.97 -20.03
C TYR D 259 9.41 -14.31 -19.54
N CYS D 260 8.09 -14.45 -19.38
CA CYS D 260 7.51 -15.68 -18.87
C CYS D 260 6.25 -16.05 -19.65
N PRO D 261 6.43 -16.15 -20.97
CA PRO D 261 5.29 -16.37 -21.83
C PRO D 261 4.58 -17.66 -21.49
PA NAP E . 6.14 -19.78 20.48
O1A NAP E . 6.86 -19.26 21.70
O2A NAP E . 4.77 -20.30 20.85
O5B NAP E . 7.00 -20.99 19.77
C5B NAP E . 8.21 -20.61 19.16
C4B NAP E . 8.69 -21.83 18.31
O4B NAP E . 9.87 -21.50 17.84
C3B NAP E . 8.93 -23.08 19.17
O3B NAP E . 8.47 -24.20 18.56
C2B NAP E . 10.48 -23.10 19.36
O2B NAP E . 10.95 -24.49 19.66
C1B NAP E . 10.87 -22.69 18.18
N9A NAP E . 12.23 -22.24 18.17
C8A NAP E . 12.84 -21.30 18.93
N7A NAP E . 14.15 -21.26 18.57
C5A NAP E . 14.35 -22.18 17.60
C6A NAP E . 15.49 -22.58 16.93
N6A NAP E . 16.81 -22.15 17.02
N1A NAP E . 15.42 -23.56 16.01
C2A NAP E . 14.20 -24.18 15.74
N3A NAP E . 13.08 -23.78 16.39
C4A NAP E . 13.14 -22.79 17.34
O3 NAP E . 6.11 -18.56 19.46
PN NAP E . 5.04 -18.14 18.35
O1N NAP E . 4.36 -16.98 18.90
O2N NAP E . 4.12 -19.24 18.05
O5D NAP E . 5.85 -17.56 17.09
C5D NAP E . 6.00 -18.30 15.88
C4D NAP E . 6.25 -17.40 14.61
O4D NAP E . 5.27 -16.56 14.38
C3D NAP E . 7.45 -16.53 14.62
O3D NAP E . 7.82 -16.31 13.27
C2D NAP E . 6.99 -15.18 15.22
O2D NAP E . 7.80 -14.03 14.66
C1D NAP E . 5.77 -15.09 14.77
N1N NAP E . 4.71 -14.71 15.64
C2N NAP E . 4.70 -14.41 16.99
C3N NAP E . 3.48 -14.11 17.63
C7N NAP E . 3.25 -13.71 19.12
O7N NAP E . 2.54 -12.67 19.34
N7N NAP E . 3.82 -14.50 20.17
C4N NAP E . 2.36 -14.10 16.93
C5N NAP E . 2.37 -14.38 15.60
C6N NAP E . 3.55 -14.70 14.97
P2B NAP E . 10.88 -25.13 21.15
O1X NAP E . 11.24 -24.04 22.19
O2X NAP E . 9.55 -25.72 21.42
O3X NAP E . 11.95 -26.22 21.09
C1 TUD F . 4.55 -6.21 19.11
C2 TUD F . 5.23 -5.43 17.99
C3 TUD F . 4.57 -5.59 16.63
O3 TUD F . 5.18 -4.96 15.57
C4 TUD F . 4.38 -7.08 16.33
C5 TUD F . 3.52 -7.71 17.40
C6 TUD F . 3.05 -9.10 16.96
C7 TUD F . 4.19 -10.09 17.07
O7 TUD F . 4.96 -9.99 15.92
C8 TUD F . 5.07 -9.97 18.33
C9 TUD F . 5.41 -8.53 18.77
C10 TUD F . 4.17 -7.65 18.81
C11 TUD F . 6.36 -8.45 19.99
C12 TUD F . 7.52 -9.43 19.95
C13 TUD F . 7.10 -10.83 19.61
C14 TUD F . 6.35 -10.80 18.29
C15 TUD F . 6.24 -12.28 17.97
C16 TUD F . 7.60 -12.85 18.42
C17 TUD F . 8.27 -11.77 19.24
C18 TUD F . 6.18 -11.39 20.70
C19 TUD F . 3.17 -8.13 19.89
C20 TUD F . 9.21 -12.29 20.35
C21 TUD F . 9.76 -11.21 21.25
C22 TUD F . 10.45 -13.02 19.82
C23 TUD F . 10.97 -14.00 20.85
O25 TUD F . 12.49 -14.82 19.25
C24 TUD F . 12.10 -14.84 20.35
N26 TUD F . 12.66 -15.59 21.31
C25 TUD F . 13.85 -16.38 21.07
C26 TUD F . 15.03 -15.45 20.88
S27 TUD F . 15.82 -14.91 22.22
O28 TUD F . 15.99 -16.01 23.04
O29 TUD F . 15.22 -13.85 22.97
O30 TUD F . 17.24 -14.47 21.52
C1 GOL G . -2.74 -26.44 -3.38
O1 GOL G . -3.01 -25.19 -4.02
C2 GOL G . -1.25 -26.40 -3.08
O2 GOL G . -0.49 -26.36 -4.33
C3 GOL G . -0.84 -27.59 -2.21
O3 GOL G . -0.92 -28.83 -2.95
PA NAP H . -9.94 27.41 4.37
O1A NAP H . -11.19 27.82 5.15
O2A NAP H . -8.74 28.14 4.94
O5B NAP H . -10.19 27.75 2.81
C5B NAP H . -11.41 27.38 2.24
C4B NAP H . -11.41 27.86 0.74
O4B NAP H . -12.35 27.18 0.10
C3B NAP H . -11.82 29.33 0.66
O3B NAP H . -11.08 30.00 -0.27
C2B NAP H . -13.30 29.28 0.25
O2B NAP H . -13.72 30.56 -0.41
C1B NAP H . -13.32 28.25 -0.58
N9A NAP H . -14.66 27.74 -0.67
C8A NAP H . -15.50 27.31 0.31
N7A NAP H . -16.69 27.02 -0.24
C5A NAP H . -16.60 27.30 -1.59
C6A NAP H . -17.52 27.20 -2.63
N6A NAP H . -18.85 26.78 -2.63
N1A NAP H . -17.14 27.52 -3.87
C2A NAP H . -15.87 28.00 -4.13
N3A NAP H . -14.98 28.09 -3.12
C4A NAP H . -15.33 27.73 -1.86
O3 NAP H . -9.79 25.83 4.46
PN NAP H . -8.62 24.91 3.88
O1N NAP H . -8.10 24.11 5.02
O2N NAP H . -7.48 25.68 3.36
O5D NAP H . -9.29 23.89 2.84
C5D NAP H . -8.56 23.63 1.62
C4D NAP H . -8.70 22.19 1.03
O4D NAP H . -7.78 21.40 1.51
C3D NAP H . -10.01 21.47 1.32
O3D NAP H . -10.29 20.62 0.23
C2D NAP H . -9.76 20.57 2.56
O2D NAP H . -10.37 19.20 2.40
C1D NAP H . -8.47 20.41 2.56
N1N NAP H . -7.71 20.63 3.78
C2N NAP H . -8.09 21.17 5.00
C3N NAP H . -7.12 21.29 6.02
C7N NAP H . -7.31 21.82 7.45
O7N NAP H . -6.77 21.12 8.38
N7N NAP H . -8.05 23.00 7.69
C4N NAP H . -5.87 20.85 5.82
C5N NAP H . -5.55 20.33 4.63
C6N NAP H . -6.45 20.22 3.61
P2B NAP H . -14.06 31.82 0.50
O1X NAP H . -14.85 31.30 1.76
O2X NAP H . -12.79 32.51 0.88
O3X NAP H . -14.90 32.76 -0.36
C1 TUD I . -9.23 15.13 10.98
C2 TUD I . -9.66 13.94 10.20
C3 TUD I . -8.51 13.34 9.45
O3 TUD I . -8.87 12.19 8.77
C4 TUD I . -7.82 14.33 8.53
C5 TUD I . -7.49 15.62 9.23
C6 TUD I . -6.90 16.58 8.18
C7 TUD I . -7.95 17.39 7.36
O7 TUD I . -8.37 16.65 6.25
C8 TUD I . -9.16 17.84 8.20
C9 TUD I . -9.72 16.76 9.13
C10 TUD I . -8.63 16.21 10.07
C11 TUD I . -11.02 17.24 9.86
C12 TUD I . -12.05 17.98 8.99
C13 TUD I . -11.41 19.03 8.11
C14 TUD I . -10.25 18.42 7.35
C15 TUD I . -9.89 19.52 6.36
C16 TUD I . -11.25 20.07 5.95
C17 TUD I . -12.28 19.54 6.96
C18 TUD I . -10.89 20.22 8.91
C19 TUD I . -8.03 17.27 10.97
C20 TUD I . -13.39 20.54 7.22
C21 TUD I . -14.44 20.09 8.22
C22 TUD I . -14.11 20.84 5.93
C23 TUD I . -14.98 22.05 6.07
O25 TUD I . -16.49 21.39 4.35
C24 TUD I . -15.94 22.23 4.91
N26 TUD I . -16.10 23.49 4.57
C25 TUD I . -17.32 24.17 4.88
C26 TUD I . -18.26 24.11 3.70
S27 TUD I . -19.78 23.69 4.21
O28 TUD I . -19.80 22.45 4.90
O29 TUD I . -20.67 23.56 3.11
O30 TUD I . -20.39 24.90 5.12
C1 GOL J . 3.59 22.14 -16.10
O1 GOL J . 4.12 22.82 -17.28
C2 GOL J . 4.13 20.73 -16.00
O2 GOL J . 3.95 20.02 -17.23
C3 GOL J . 5.63 20.81 -15.68
O3 GOL J . 6.24 19.52 -15.59
PA NAP K . 26.64 5.39 -11.42
O1A NAP K . 27.46 4.28 -12.06
O2A NAP K . 26.41 6.60 -12.32
O5B NAP K . 27.39 5.83 -10.06
C5B NAP K . 27.77 4.82 -9.17
C4B NAP K . 28.43 5.51 -7.94
O4B NAP K . 28.58 4.63 -6.97
C3B NAP K . 29.85 6.01 -8.29
O3B NAP K . 30.03 7.24 -7.76
C2B NAP K . 30.75 4.93 -7.65
O2B NAP K . 32.13 5.42 -7.40
C1B NAP K . 30.11 4.65 -6.54
N9A NAP K . 30.49 3.35 -6.03
C8A NAP K . 30.48 2.12 -6.60
N7A NAP K . 31.00 1.25 -5.73
C5A NAP K . 31.38 1.94 -4.62
C6A NAP K . 32.01 1.54 -3.44
N6A NAP K . 32.47 0.31 -3.00
N1A NAP K . 32.25 2.47 -2.49
C2A NAP K . 31.91 3.80 -2.69
N3A NAP K . 31.33 4.17 -3.84
C4A NAP K . 31.05 3.26 -4.80
O3 NAP K . 25.28 4.70 -10.96
PN NAP K . 23.90 5.32 -10.45
O1N NAP K . 22.94 5.03 -11.47
O2N NAP K . 24.02 6.75 -10.26
O5D NAP K . 23.43 4.53 -9.10
C5D NAP K . 23.50 5.13 -7.81
C4D NAP K . 22.35 4.68 -6.84
O4D NAP K . 21.19 4.90 -7.38
C3D NAP K . 22.36 3.20 -6.51
O3D NAP K . 21.90 2.99 -5.21
C2D NAP K . 21.31 2.58 -7.47
O2D NAP K . 20.80 1.28 -6.92
C1D NAP K . 20.40 3.51 -7.45
N1N NAP K . 19.52 3.49 -8.59
C2N NAP K . 19.97 3.62 -9.92
C3N NAP K . 19.05 3.61 -10.97
C7N NAP K . 19.43 3.68 -12.48
O7N NAP K . 18.60 3.27 -13.34
N7N NAP K . 20.71 4.15 -12.91
C4N NAP K . 17.74 3.43 -10.66
C5N NAP K . 17.30 3.30 -9.36
C6N NAP K . 18.22 3.34 -8.32
P2B NAP K . 33.18 5.61 -8.60
O1X NAP K . 33.04 4.45 -9.60
O2X NAP K . 32.98 6.93 -9.25
O3X NAP K . 34.56 5.70 -8.02
C1 TUD L . 15.43 -2.62 -13.73
C2 TUD L . 14.91 -3.41 -12.52
C3 TUD L . 13.92 -2.56 -11.72
O3 TUD L . 13.37 -3.18 -10.62
C4 TUD L . 14.52 -1.23 -11.30
C5 TUD L . 15.16 -0.48 -12.47
C6 TUD L . 15.74 0.82 -11.91
C7 TUD L . 17.11 0.64 -11.24
O7 TUD L . 17.01 0.35 -9.89
C8 TUD L . 18.05 -0.40 -11.93
C9 TUD L . 17.37 -1.69 -12.44
C10 TUD L . 16.14 -1.35 -13.28
C11 TUD L . 18.37 -2.71 -13.09
C12 TUD L . 19.74 -2.82 -12.39
C13 TUD L . 20.36 -1.48 -12.04
C14 TUD L . 19.36 -0.71 -11.20
C15 TUD L . 20.18 0.48 -10.73
C16 TUD L . 21.63 0.01 -10.60
C17 TUD L . 21.57 -1.44 -11.10
C18 TUD L . 20.73 -0.69 -13.27
C19 TUD L . 16.61 -0.57 -14.45
C20 TUD L . 22.93 -2.02 -11.51
C21 TUD L . 22.85 -3.42 -12.09
C22 TUD L . 23.91 -1.95 -10.31
C23 TUD L . 25.34 -2.18 -10.80
O25 TUD L . 25.95 -2.57 -8.58
C24 TUD L . 26.33 -2.37 -9.69
N26 TUD L . 27.63 -2.33 -10.00
C25 TUD L . 28.73 -2.86 -9.20
C26 TUD L . 28.50 -4.33 -8.86
S27 TUD L . 29.46 -5.35 -9.77
O28 TUD L . 28.91 -6.09 -10.83
O29 TUD L . 29.89 -6.27 -8.77
O30 TUD L . 30.68 -4.40 -10.31
C1 GOL M . 15.38 20.54 6.94
O1 GOL M . 14.00 20.27 7.19
C2 GOL M . 16.25 19.44 7.50
O2 GOL M . 16.07 19.38 8.90
C3 GOL M . 17.72 19.70 7.19
O3 GOL M . 18.24 20.87 7.85
PA NAP N . -22.72 -12.43 -13.80
O1A NAP N . -23.24 -11.81 -15.10
O2A NAP N . -22.47 -13.93 -13.90
O5B NAP N . -23.82 -12.18 -12.65
C5B NAP N . -24.31 -10.86 -12.45
C4B NAP N . -25.44 -10.95 -11.38
O4B NAP N . -25.86 -9.75 -11.10
C3B NAP N . -26.68 -11.72 -11.91
O3B NAP N . -27.07 -12.62 -10.96
C2B NAP N . -27.73 -10.61 -12.19
O2B NAP N . -29.15 -11.11 -12.08
C1B NAP N . -27.45 -9.76 -11.22
N9A NAP N . -27.92 -8.42 -11.54
C8A NAP N . -27.64 -7.63 -12.62
N7A NAP N . -28.33 -6.48 -12.48
C5A NAP N . -29.08 -6.59 -11.34
C6A NAP N . -29.97 -5.71 -10.77
N6A NAP N . -30.44 -4.47 -11.17
N1A NAP N . -30.55 -6.05 -9.59
C2A NAP N . -30.31 -7.28 -9.01
N3A NAP N . -29.41 -8.12 -9.57
C4A NAP N . -28.81 -7.78 -10.75
O3 NAP N . -21.43 -11.59 -13.41
PN NAP N . -20.46 -11.84 -12.16
O1N NAP N . -19.19 -12.17 -12.74
O2N NAP N . -20.88 -12.98 -11.38
O5D NAP N . -20.36 -10.47 -11.30
C5D NAP N . -20.54 -10.31 -9.89
C4D NAP N . -19.53 -9.31 -9.18
O4D NAP N . -18.26 -9.57 -9.45
C3D NAP N . -19.69 -7.85 -9.53
O3D NAP N . -19.69 -7.08 -8.38
C2D NAP N . -18.44 -7.42 -10.36
O2D NAP N . -17.73 -6.30 -9.71
C1D NAP N . -17.66 -8.47 -10.44
N1N NAP N . -17.63 -9.10 -11.76
C2N NAP N . -16.57 -9.91 -12.14
C3N NAP N . -16.59 -10.51 -13.42
C7N NAP N . -15.47 -11.40 -14.01
O7N NAP N . -15.76 -12.57 -14.26
N7N NAP N . -14.18 -10.88 -14.32
C4N NAP N . -17.65 -10.31 -14.27
C5N NAP N . -18.69 -9.52 -13.84
C6N NAP N . -18.67 -8.93 -12.61
P2B NAP N . -29.86 -12.01 -13.23
O1X NAP N . -29.43 -11.48 -14.59
O2X NAP N . -29.48 -13.41 -13.04
O3X NAP N . -31.37 -11.80 -13.08
C1 TUD O . -10.80 -6.12 -16.67
C2 TUD O . -10.46 -4.84 -15.93
C3 TUD O . -9.86 -5.10 -14.55
O3 TUD O . -9.56 -3.86 -13.99
C4 TUD O . -10.78 -5.95 -13.68
C5 TUD O . -11.07 -7.23 -14.43
C6 TUD O . -11.92 -8.10 -13.52
C7 TUD O . -13.39 -7.76 -13.49
O7 TUD O . -13.64 -6.78 -12.52
C8 TUD O . -13.98 -7.35 -14.87
C9 TUD O . -13.10 -6.45 -15.74
C10 TUD O . -11.70 -7.04 -15.85
C11 TUD O . -13.80 -6.05 -17.08
C12 TUD O . -15.22 -5.53 -16.90
C13 TUD O . -16.04 -6.50 -16.08
C14 TUD O . -15.36 -6.73 -14.74
C15 TUD O . -16.32 -7.57 -13.95
C16 TUD O . -17.69 -7.04 -14.41
C17 TUD O . -17.43 -6.09 -15.57
C18 TUD O . -16.15 -7.79 -16.86
C19 TUD O . -11.69 -8.41 -16.59
C20 TUD O . -18.60 -5.97 -16.51
C21 TUD O . -18.27 -5.06 -17.70
C22 TUD O . -19.89 -5.54 -15.82
C23 TUD O . -21.14 -5.67 -16.69
O25 TUD O . -22.30 -4.17 -15.33
C24 TUD O . -22.32 -4.87 -16.26
N26 TUD O . -23.43 -5.02 -16.99
C25 TUD O . -24.67 -4.29 -16.85
C26 TUD O . -24.47 -2.85 -17.29
S27 TUD O . -24.79 -2.37 -18.86
O28 TUD O . -26.02 -2.93 -19.24
O29 TUD O . -23.77 -2.62 -19.81
O30 TUD O . -25.01 -0.80 -18.63
C1 GOL P . -20.87 -14.57 11.84
O1 GOL P . -20.95 -15.64 10.93
C2 GOL P . -19.50 -13.92 11.77
O2 GOL P . -19.47 -13.00 12.87
C3 GOL P . -18.37 -14.94 11.88
O3 GOL P . -17.19 -14.41 12.56
#